data_8Y45
#
_entry.id   8Y45
#
_cell.length_a   1.00
_cell.length_b   1.00
_cell.length_c   1.00
_cell.angle_alpha   90.00
_cell.angle_beta   90.00
_cell.angle_gamma   90.00
#
_symmetry.space_group_name_H-M   'P 1'
#
loop_
_entity.id
_entity.type
_entity.pdbx_description
1 polymer 'Delta-type opioid receptor'
2 polymer 'Guanine nucleotide-binding protein G(I)/G(S)/G(T) subunit beta-1'
3 polymer 'Guanine nucleotide-binding protein G(i) subunit alpha-2'
4 polymer scFv16
5 polymer 'Guanine nucleotide-binding protein G(I)/G(S)/G(O) subunit gamma-2'
6 non-polymer "~{N},~{N}-diethyl-4-(5-oxidanylspiro[chromene-2,4'-piperidine]-4-yl)benzamide"
#
loop_
_entity_poly.entity_id
_entity_poly.type
_entity_poly.pdbx_seq_one_letter_code
_entity_poly.pdbx_strand_id
1 'polypeptide(L)'
;DYKDDDDAGPPGARSASSLALAIAITALYSAVCAVGLLGNVLVMFGIVRYTKMKTATNIYIFNLALADALATSTLPFQSA
KYLMETWPFGELLCKAVLSIDYYNMFTSIFTLTMMSVDRYIAVCHPVKALDFRTPAKAKLINICIWVLASGVGVPIMVMA
VTRPRDGAVVCMLQFPSPSWYWDTVTKICVFLFAFVVPILIITVCYGLMLLRLRSVRLLSGSKEKDRSLRRITRMVLVVV
GAFVVCWAPIHIFVIVWTLVDIDRRDPLVVAALHLCIALGYANSSLNPVLYAFLDENFKRCFRQLCRKPCGRPDPSSFSR
AREAT
;
A
2 'polypeptide(L)'
;MPPHHHHLEVLFQGPGSSGSELDQLRQEAEQLKNQIRDARKACADATLSQITNNIDPVGRIQMRTRRTLRGHLAKIYAMH
WGTDSRLLVSASQDGKLIIWDSYTTNKVHAIPLRSSWVMTCAYAPSGNYVACGGLDNICSIYNLKTREGNVRVSRELAGH
TGYLSCCRFLDDNQIVTSSGDTTCALWDIETGQQTTTFTGHTGDVMSLSLAPDTRLFVSGACDASAKLWDVREGMCRQTF
TGHESDINAICFFPNGNAFATGSDDATCRLFDLRADQELMTYSHDNIICGITSVSFSKSGRLLLAGYDDFNCNVWDALKA
DRAGVLAGHDNRVSCLGVTDDGMAVATGSWDSFLKIWN
;
B
3 'polypeptide(L)'
;MGCTLSAEDKAAAERSKMIDKNLREDGEKAAREVKLLLLGAGESGKNTIVKQMKIIHEDGYSEEECRQYRAVVYSNTIQS
IMAIVKAMGNLQIDFADPSRADDARQLFALSCTAEEQGVLPDDLSGVIRRLWADHGVQACFGRSREYQLNDSAAYYLNDL
ERIAQSDYIPTQQDVLRTRVKTTGIVETHFTFKDLHFKMFDVGAQRSERKKWIHCFEGVTAIIFCVALSAYDLVLAEDEE
MNRMHASMKLFDSICNNKWFTDTSIILFLNKKDLFEEKITHSPLTICFPEYTGANKYDEAASYIQSKFEDLNKRKDTKEI
YTHFTCSTDTKNVQFVFDAVTDVIIKNNLKDCGLF
;
D
4 'polypeptide(L)'
;DVQLVESGGGLVQPGGSRKLSCSASGFAFSSFGMHWVRQAPEKGLEWVAYISSGSGTIYYADTVKGRFTISRDDPKNTLF
LQMTSLRSEDTAMYYCVRSIYYYGSSPFDFWGQGTTLTVSSGGGGSGGGGSGGGGSDIVMTQATSSVPVTPGESVSISCR
SSKSLLHSNGNTYLYWFLQRPGQSPQLLIYRMSNLASGVPDRFSGSGSGTAFTLTISRLEAEDVGVYYCMQHLEYPLTFG
AGTKLELKAAAENLYFQGHHHHHHHH
;
S
5 'polypeptide(L)' MASNNTASIAQARKLVEQLKMEANIDRIKVSKAAADLMAYCEAHAKEDPLLTPVPASENPFREKKFFCAIL C
#
# COMPACT_ATOMS: atom_id res chain seq x y z
N SER A 18 56.56 32.21 -7.47
CA SER A 18 55.31 32.95 -7.17
C SER A 18 54.23 32.50 -8.15
N LEU A 19 54.53 32.59 -9.43
CA LEU A 19 53.57 32.15 -10.46
C LEU A 19 53.25 30.68 -10.20
N ALA A 20 54.23 29.94 -9.68
CA ALA A 20 54.01 28.51 -9.42
C ALA A 20 52.88 28.37 -8.41
N LEU A 21 53.05 28.93 -7.22
CA LEU A 21 52.01 28.85 -6.16
C LEU A 21 50.69 29.37 -6.72
N ALA A 22 50.79 30.34 -7.64
CA ALA A 22 49.57 30.92 -8.23
C ALA A 22 48.80 29.82 -8.96
N ILE A 23 49.40 29.30 -10.02
CA ILE A 23 48.71 28.27 -10.84
C ILE A 23 48.39 27.09 -9.93
N ALA A 24 49.03 27.02 -8.77
CA ALA A 24 48.83 25.89 -7.84
C ALA A 24 47.47 25.93 -7.16
N ILE A 25 47.28 26.77 -6.17
CA ILE A 25 46.06 26.89 -5.34
C ILE A 25 44.89 26.86 -6.29
N THR A 26 45.48 27.63 -7.39
CA THR A 26 44.29 27.67 -8.28
C THR A 26 43.88 26.24 -8.61
N ALA A 27 45.08 25.68 -9.06
CA ALA A 27 44.77 24.27 -9.29
C ALA A 27 44.02 23.76 -8.07
N LEU A 28 44.83 24.19 -6.79
CA LEU A 28 44.17 23.64 -5.58
C LEU A 28 42.67 23.81 -5.44
N TYR A 29 42.36 25.07 -5.50
CA TYR A 29 40.93 25.35 -5.29
C TYR A 29 40.36 24.66 -6.51
N SER A 30 41.05 24.82 -7.68
CA SER A 30 40.51 24.27 -8.92
C SER A 30 40.12 22.82 -8.66
N ALA A 31 41.16 22.19 -8.23
CA ALA A 31 40.95 20.76 -8.04
C ALA A 31 39.84 20.49 -7.03
N VAL A 32 40.06 21.28 -6.00
CA VAL A 32 39.07 21.04 -4.96
C VAL A 32 37.68 21.43 -5.45
N CYS A 33 37.66 22.70 -6.16
CA CYS A 33 36.38 23.12 -6.69
C CYS A 33 35.84 22.11 -7.69
N ALA A 34 36.64 21.71 -8.68
CA ALA A 34 36.19 20.76 -9.68
C ALA A 34 35.74 19.45 -9.05
N VAL A 35 36.60 19.04 -8.14
CA VAL A 35 36.27 17.76 -7.50
C VAL A 35 34.97 17.89 -6.72
N GLY A 36 34.65 19.02 -5.88
CA GLY A 36 33.44 19.18 -5.09
C GLY A 36 32.21 19.29 -5.97
N LEU A 37 32.16 20.31 -6.81
CA LEU A 37 30.90 20.57 -7.57
C LEU A 37 30.44 19.27 -8.17
N LEU A 38 31.27 18.74 -9.08
CA LEU A 38 30.91 17.50 -9.77
C LEU A 38 30.39 16.50 -8.74
N GLY A 39 31.18 16.24 -7.69
CA GLY A 39 30.71 15.22 -6.76
C GLY A 39 29.33 15.50 -6.24
N ASN A 40 29.00 16.78 -5.77
CA ASN A 40 27.67 17.12 -5.29
C ASN A 40 26.62 16.91 -6.36
N VAL A 41 27.00 17.28 -7.50
CA VAL A 41 26.05 17.16 -8.63
C VAL A 41 25.42 15.80 -8.56
N LEU A 42 26.19 14.82 -8.76
CA LEU A 42 25.62 13.46 -8.90
C LEU A 42 24.83 13.07 -7.66
N VAL A 43 25.51 13.01 -6.52
CA VAL A 43 24.83 12.49 -5.31
C VAL A 43 23.45 13.11 -5.27
N MET A 44 23.43 14.32 -5.35
CA MET A 44 22.11 14.95 -5.18
C MET A 44 21.09 14.11 -5.92
N PHE A 45 21.38 13.88 -7.14
CA PHE A 45 20.42 13.14 -7.98
C PHE A 45 20.38 11.67 -7.56
N GLY A 46 21.59 11.06 -7.43
CA GLY A 46 21.52 9.63 -7.13
C GLY A 46 20.45 9.42 -6.09
N ILE A 47 20.62 10.20 -4.95
CA ILE A 47 19.61 10.11 -3.90
C ILE A 47 18.23 10.37 -4.48
N VAL A 48 18.22 11.00 -5.55
CA VAL A 48 16.91 11.41 -6.06
C VAL A 48 16.13 10.20 -6.58
N ARG A 49 16.75 9.31 -7.39
CA ARG A 49 16.01 8.25 -8.06
C ARG A 49 15.87 7.02 -7.15
N TYR A 50 16.93 6.89 -6.22
CA TYR A 50 16.84 5.82 -5.23
C TYR A 50 16.06 6.29 -4.00
N THR A 51 16.05 5.46 -3.05
CA THR A 51 15.14 5.42 -1.88
C THR A 51 14.32 6.71 -1.68
N LYS A 52 14.84 7.86 -1.73
CA LYS A 52 14.11 9.13 -1.74
C LYS A 52 13.15 9.25 -0.55
N MET A 53 13.57 9.35 0.63
CA MET A 53 12.80 9.62 1.87
C MET A 53 12.03 8.41 2.40
N LYS A 54 12.61 7.32 2.25
CA LYS A 54 12.06 6.25 3.07
C LYS A 54 12.58 6.37 4.51
N THR A 55 13.83 6.43 4.59
CA THR A 55 14.39 6.59 5.93
C THR A 55 14.82 8.03 6.19
N ALA A 56 14.98 8.37 7.36
CA ALA A 56 15.41 9.71 7.74
C ALA A 56 16.84 10.00 7.28
N THR A 57 17.66 8.97 7.11
CA THR A 57 19.00 9.16 6.58
C THR A 57 18.95 9.75 5.18
N ASN A 58 17.75 9.37 4.53
CA ASN A 58 17.64 9.86 3.16
C ASN A 58 17.35 11.36 3.12
N ILE A 59 16.33 11.88 3.89
CA ILE A 59 16.03 13.32 3.89
C ILE A 59 17.22 14.11 4.44
N TYR A 60 17.89 13.59 5.34
CA TYR A 60 19.07 14.30 5.87
C TYR A 60 20.17 14.41 4.83
N ILE A 61 20.44 13.31 4.08
CA ILE A 61 21.47 13.40 3.05
C ILE A 61 21.01 14.30 1.92
N PHE A 62 19.77 14.40 1.65
CA PHE A 62 19.24 15.37 0.70
C PHE A 62 19.54 16.79 1.14
N ASN A 63 19.47 17.08 2.32
CA ASN A 63 19.87 18.39 2.86
C ASN A 63 21.35 18.66 2.64
N LEU A 64 22.13 17.69 2.92
CA LEU A 64 23.56 17.88 2.74
C LEU A 64 23.90 18.17 1.29
N ALA A 65 23.12 17.59 0.28
CA ALA A 65 23.41 17.81 -1.13
C ALA A 65 23.21 19.27 -1.52
N LEU A 66 21.95 19.79 -1.25
CA LEU A 66 21.70 21.18 -1.59
C LEU A 66 22.64 22.11 -0.83
N ALA A 67 22.94 21.79 0.43
CA ALA A 67 23.88 22.60 1.20
C ALA A 67 25.22 22.70 0.50
N ASP A 68 25.90 21.61 0.11
CA ASP A 68 27.19 21.65 -0.56
C ASP A 68 27.07 22.27 -1.95
N ALA A 69 26.00 22.10 -2.60
CA ALA A 69 25.81 22.66 -3.93
C ALA A 69 25.87 24.18 -3.89
N LEU A 70 25.34 24.71 -2.81
CA LEU A 70 25.42 26.15 -2.67
C LEU A 70 26.87 26.63 -2.60
N ALA A 71 27.78 25.92 -1.93
CA ALA A 71 29.18 26.32 -1.79
C ALA A 71 29.94 26.19 -3.09
N THR A 72 29.63 25.17 -4.03
CA THR A 72 30.29 25.01 -5.34
C THR A 72 30.10 26.26 -6.19
N SER A 73 28.99 26.82 -6.20
CA SER A 73 28.79 28.09 -6.89
C SER A 73 29.48 29.22 -6.14
N THR A 74 29.70 29.08 -4.86
CA THR A 74 30.23 30.17 -4.06
C THR A 74 31.71 30.40 -4.30
N LEU A 75 32.58 29.34 -4.26
CA LEU A 75 34.06 29.59 -4.19
C LEU A 75 34.72 30.22 -5.41
N PRO A 76 34.40 29.87 -6.74
CA PRO A 76 35.18 30.40 -7.86
C PRO A 76 35.26 31.92 -7.91
N PHE A 77 34.29 32.58 -7.57
CA PHE A 77 34.34 34.04 -7.54
C PHE A 77 35.41 34.54 -6.58
N GLN A 78 35.61 33.96 -5.49
CA GLN A 78 36.57 34.55 -4.51
C GLN A 78 38.00 34.16 -4.86
N SER A 79 38.14 32.98 -5.44
CA SER A 79 39.48 32.56 -5.89
C SER A 79 39.88 33.52 -6.96
N ALA A 80 38.90 34.05 -7.62
CA ALA A 80 39.20 34.95 -8.76
C ALA A 80 39.73 36.28 -8.24
N LYS A 81 39.24 36.66 -7.10
CA LYS A 81 39.79 37.89 -6.49
C LYS A 81 41.21 37.57 -6.07
N TYR A 82 41.40 36.59 -5.20
CA TYR A 82 42.83 36.39 -4.87
C TYR A 82 43.53 36.42 -6.20
N LEU A 83 42.94 35.76 -7.17
CA LEU A 83 43.56 35.67 -8.52
C LEU A 83 43.80 37.08 -9.07
N MET A 84 42.97 38.03 -8.69
CA MET A 84 43.09 39.37 -9.28
C MET A 84 43.34 40.46 -8.26
N GLU A 85 43.19 40.01 -6.93
CA GLU A 85 43.36 40.96 -5.83
C GLU A 85 42.35 42.11 -5.91
N THR A 86 41.52 42.04 -7.00
CA THR A 86 40.47 43.02 -7.15
C THR A 86 39.19 42.30 -7.57
N TRP A 87 38.00 43.00 -7.41
CA TRP A 87 36.72 42.42 -7.77
C TRP A 87 36.12 43.21 -8.92
N PRO A 88 36.04 42.70 -10.19
CA PRO A 88 35.52 43.48 -11.32
C PRO A 88 34.02 43.69 -11.29
N PHE A 89 33.22 43.07 -10.58
CA PHE A 89 31.77 43.20 -10.58
C PHE A 89 31.35 44.25 -9.54
N GLY A 90 30.04 44.70 -9.80
CA GLY A 90 29.52 45.76 -8.95
C GLY A 90 29.16 45.33 -7.55
N GLU A 91 27.96 45.77 -7.37
CA GLU A 91 27.58 45.62 -5.97
C GLU A 91 26.62 44.46 -5.69
N LEU A 92 25.87 44.14 -6.82
CA LEU A 92 24.89 43.07 -6.58
C LEU A 92 25.57 41.81 -6.06
N LEU A 93 26.59 41.44 -6.84
CA LEU A 93 27.29 40.25 -6.39
C LEU A 93 27.96 40.45 -5.03
N CYS A 94 28.41 41.60 -4.79
CA CYS A 94 29.17 41.73 -3.52
C CYS A 94 28.18 41.33 -2.43
N LYS A 95 26.99 41.64 -2.67
CA LYS A 95 26.08 41.10 -1.66
C LYS A 95 25.65 39.67 -1.97
N ALA A 96 25.41 39.52 -3.33
CA ALA A 96 24.91 38.18 -3.67
C ALA A 96 25.89 37.10 -3.26
N VAL A 97 27.10 37.46 -3.58
CA VAL A 97 28.10 36.43 -3.32
C VAL A 97 28.25 36.19 -1.82
N LEU A 98 28.43 37.26 -1.05
CA LEU A 98 28.74 37.00 0.38
C LEU A 98 27.66 36.16 1.05
N SER A 99 26.44 36.55 1.23
CA SER A 99 25.52 35.69 2.03
C SER A 99 25.28 34.26 1.57
N ILE A 100 25.20 34.10 0.27
CA ILE A 100 25.25 32.74 -0.29
C ILE A 100 26.31 32.03 0.52
N ASP A 101 27.43 32.68 0.80
CA ASP A 101 28.51 31.96 1.47
C ASP A 101 28.16 31.67 2.92
N TYR A 102 27.96 32.68 3.77
CA TYR A 102 27.83 32.42 5.23
C TYR A 102 26.51 31.79 5.65
N TYR A 103 25.75 31.24 4.74
CA TYR A 103 24.52 30.49 5.08
C TYR A 103 24.82 29.06 4.85
N ASN A 104 25.35 28.81 3.68
CA ASN A 104 25.86 27.46 3.46
C ASN A 104 26.63 27.11 4.72
N MET A 105 27.46 28.01 5.22
CA MET A 105 28.25 27.60 6.37
C MET A 105 27.36 27.11 7.50
N PHE A 106 26.38 27.94 7.88
CA PHE A 106 25.51 27.59 9.00
C PHE A 106 24.64 26.39 8.67
N THR A 107 24.16 26.22 7.49
CA THR A 107 23.35 25.07 7.13
C THR A 107 24.15 23.78 7.22
N SER A 108 25.40 23.71 6.75
CA SER A 108 26.22 22.50 6.80
C SER A 108 26.52 22.08 8.23
N ILE A 109 26.91 23.04 9.01
CA ILE A 109 27.25 22.70 10.38
C ILE A 109 26.05 22.14 11.12
N PHE A 110 24.93 22.76 10.95
CA PHE A 110 23.75 22.30 11.68
C PHE A 110 23.21 20.98 11.14
N THR A 111 23.24 20.77 9.90
CA THR A 111 22.77 19.50 9.36
C THR A 111 23.65 18.34 9.83
N LEU A 112 24.90 18.47 9.89
CA LEU A 112 25.76 17.38 10.44
C LEU A 112 25.55 17.20 11.96
N THR A 113 25.23 18.23 12.72
CA THR A 113 24.95 18.06 14.14
C THR A 113 23.65 17.29 14.34
N MET A 114 22.51 17.62 13.57
CA MET A 114 21.24 16.93 13.71
C MET A 114 21.33 15.48 13.26
N MET A 115 22.05 15.23 12.30
CA MET A 115 22.26 13.85 11.89
C MET A 115 22.93 13.04 13.00
N SER A 116 23.90 13.62 13.73
CA SER A 116 24.57 12.93 14.83
C SER A 116 23.60 12.69 15.99
N VAL A 117 22.74 13.61 16.44
CA VAL A 117 21.78 13.47 17.54
C VAL A 117 20.77 12.38 17.23
N ASP A 118 20.26 12.21 16.12
CA ASP A 118 19.34 11.15 15.71
C ASP A 118 20.01 9.78 15.81
N ARG A 119 21.25 9.72 15.48
CA ARG A 119 22.00 8.48 15.64
C ARG A 119 22.00 8.02 17.10
N TYR A 120 22.36 8.90 18.08
CA TYR A 120 22.44 8.54 19.50
C TYR A 120 21.08 8.10 20.03
N ILE A 121 20.06 8.88 19.66
CA ILE A 121 18.73 8.53 20.15
C ILE A 121 18.30 7.18 19.61
N ALA A 122 18.63 6.99 18.20
CA ALA A 122 18.25 5.72 17.61
C ALA A 122 18.98 4.55 18.27
N VAL A 123 20.24 4.81 18.63
CA VAL A 123 21.06 3.70 19.09
C VAL A 123 21.07 3.55 20.61
N CYS A 124 20.52 4.49 21.37
CA CYS A 124 20.66 4.46 22.82
C CYS A 124 19.35 4.41 23.59
N HIS A 125 18.17 4.77 22.98
CA HIS A 125 16.86 4.71 23.62
C HIS A 125 15.91 3.93 22.73
N PRO A 126 15.93 2.61 22.79
CA PRO A 126 15.15 1.82 21.84
C PRO A 126 13.65 2.04 21.92
N VAL A 127 13.09 2.10 23.10
CA VAL A 127 11.64 2.12 23.24
C VAL A 127 11.06 3.41 22.67
N LYS A 128 11.65 4.71 23.02
CA LYS A 128 11.20 6.00 22.53
C LYS A 128 11.78 6.34 21.16
N ALA A 129 12.52 5.47 20.56
CA ALA A 129 13.05 5.73 19.23
C ALA A 129 12.03 5.44 18.13
N LEU A 130 10.88 4.92 18.46
CA LEU A 130 9.89 4.56 17.46
C LEU A 130 8.92 5.69 17.16
N ASP A 131 8.45 6.28 18.20
CA ASP A 131 7.50 7.36 17.99
C ASP A 131 8.16 8.69 17.63
N PHE A 132 9.52 8.50 17.46
CA PHE A 132 10.26 9.73 17.18
C PHE A 132 10.93 9.68 15.81
N ARG A 133 11.20 8.29 15.15
CA ARG A 133 11.99 8.16 13.94
C ARG A 133 11.12 8.00 12.71
N THR A 134 9.99 8.52 12.61
CA THR A 134 9.04 8.59 11.51
C THR A 134 9.41 9.72 10.56
N PRO A 135 9.34 9.54 9.30
CA PRO A 135 9.70 10.62 8.36
C PRO A 135 8.84 11.87 8.49
N ALA A 136 7.76 11.69 9.02
CA ALA A 136 6.89 12.86 9.18
C ALA A 136 7.52 13.90 10.08
N LYS A 137 8.09 13.49 11.18
CA LYS A 137 8.78 14.44 12.05
C LYS A 137 10.16 14.80 11.53
N ALA A 138 10.84 13.88 10.62
CA ALA A 138 12.12 14.23 9.98
C ALA A 138 11.96 15.42 9.05
N LYS A 139 10.93 15.44 8.22
CA LYS A 139 10.66 16.59 7.36
C LYS A 139 10.49 17.86 8.19
N LEU A 140 9.88 17.73 9.23
CA LEU A 140 9.70 18.90 10.09
C LEU A 140 11.03 19.39 10.65
N ILE A 141 12.00 18.57 10.98
CA ILE A 141 13.32 18.96 11.46
C ILE A 141 14.13 19.61 10.35
N ASN A 142 14.02 19.14 9.21
CA ASN A 142 14.64 19.79 8.06
C ASN A 142 14.16 21.23 7.89
N ILE A 143 12.84 21.51 7.98
CA ILE A 143 12.28 22.84 7.77
C ILE A 143 12.75 23.81 8.86
N CYS A 144 12.76 23.46 10.11
CA CYS A 144 13.19 24.34 11.19
C CYS A 144 14.66 24.70 11.06
N ILE A 145 15.42 23.79 10.31
CA ILE A 145 16.88 24.05 10.09
C ILE A 145 17.10 25.15 9.05
N TRP A 146 16.75 24.81 7.75
CA TRP A 146 17.13 25.83 6.73
C TRP A 146 16.51 27.12 7.22
N VAL A 147 15.38 26.89 7.88
CA VAL A 147 14.67 28.13 8.27
C VAL A 147 15.36 28.78 9.46
N LEU A 148 15.62 28.13 10.57
CA LEU A 148 16.37 28.71 11.69
C LEU A 148 17.62 29.38 11.16
N ALA A 149 18.32 29.02 10.11
CA ALA A 149 19.61 29.60 9.68
C ALA A 149 19.33 30.86 8.87
N SER A 150 18.79 30.67 7.79
CA SER A 150 18.39 31.87 7.03
C SER A 150 18.15 32.93 8.10
N GLY A 151 17.30 32.50 9.03
CA GLY A 151 17.20 33.61 9.96
C GLY A 151 18.55 34.09 10.46
N VAL A 152 19.46 33.26 10.71
CA VAL A 152 20.82 33.64 11.09
C VAL A 152 21.53 34.30 9.92
N GLY A 153 21.28 33.93 8.62
CA GLY A 153 21.98 34.42 7.45
C GLY A 153 21.54 35.76 6.89
N VAL A 154 20.11 36.18 7.06
CA VAL A 154 19.63 37.44 6.49
C VAL A 154 20.36 38.69 6.99
N PRO A 155 20.66 38.78 8.24
CA PRO A 155 21.40 40.00 8.65
C PRO A 155 22.62 40.27 7.78
N ILE A 156 23.52 39.35 7.52
CA ILE A 156 24.65 39.67 6.59
C ILE A 156 24.20 40.21 5.23
N MET A 157 23.28 39.53 4.60
CA MET A 157 22.78 40.00 3.29
C MET A 157 22.56 41.49 3.35
N VAL A 158 22.15 41.97 4.50
CA VAL A 158 21.79 43.39 4.48
C VAL A 158 23.02 44.28 4.66
N MET A 159 23.77 43.76 5.46
CA MET A 159 24.87 44.64 5.88
C MET A 159 26.14 44.48 5.04
N ALA A 160 25.87 44.14 3.77
CA ALA A 160 27.05 44.04 2.92
C ALA A 160 27.32 45.38 2.23
N VAL A 161 28.64 45.94 2.23
CA VAL A 161 29.04 47.21 1.63
C VAL A 161 30.31 46.96 0.81
N THR A 162 30.57 47.92 -0.10
CA THR A 162 31.79 47.92 -0.88
C THR A 162 32.60 49.17 -0.54
N ARG A 163 33.87 49.05 -0.63
CA ARG A 163 34.74 50.17 -0.26
C ARG A 163 36.01 50.10 -1.10
N PRO A 164 36.54 51.30 -1.49
CA PRO A 164 37.82 51.31 -2.21
C PRO A 164 39.00 51.58 -1.30
N ARG A 165 40.17 50.96 -1.66
CA ARG A 165 41.44 51.17 -0.92
C ARG A 165 42.59 50.69 -1.79
N ASP A 166 43.73 51.38 -1.72
CA ASP A 166 44.93 50.95 -2.49
C ASP A 166 44.56 50.52 -3.91
N GLY A 167 43.91 51.43 -4.69
CA GLY A 167 43.56 51.12 -6.09
C GLY A 167 42.81 49.80 -6.24
N ALA A 168 42.30 49.25 -5.14
CA ALA A 168 41.62 47.96 -5.17
C ALA A 168 40.33 48.03 -4.37
N VAL A 169 39.26 47.38 -4.95
CA VAL A 169 37.96 47.38 -4.30
C VAL A 169 37.88 46.17 -3.37
N VAL A 170 37.29 46.26 -2.28
CA VAL A 170 37.11 45.20 -1.30
C VAL A 170 35.66 45.22 -0.83
N CYS A 171 35.11 43.99 -0.59
CA CYS A 171 33.72 43.80 -0.19
C CYS A 171 33.69 43.46 1.29
N MET A 172 33.83 44.52 2.09
CA MET A 172 33.93 44.30 3.54
C MET A 172 32.61 44.61 4.21
N LEU A 173 32.55 44.45 5.50
CA LEU A 173 31.25 44.59 6.19
C LEU A 173 31.46 45.63 7.27
N GLN A 174 30.46 46.43 7.53
CA GLN A 174 30.69 47.53 8.48
C GLN A 174 29.58 47.58 9.51
N PHE A 175 29.89 48.15 10.65
CA PHE A 175 28.86 48.34 11.69
C PHE A 175 29.00 49.75 12.23
N PRO A 176 27.89 50.37 12.61
CA PRO A 176 27.93 51.68 13.29
C PRO A 176 28.48 51.66 14.71
N SER A 177 28.99 50.52 15.10
CA SER A 177 29.62 50.40 16.41
C SER A 177 31.05 50.92 16.33
N PRO A 178 31.73 51.00 17.40
CA PRO A 178 33.12 51.49 17.33
C PRO A 178 34.04 50.67 16.41
N SER A 179 33.54 49.54 15.81
CA SER A 179 34.25 48.74 14.81
C SER A 179 35.41 47.95 15.42
N TRP A 180 35.66 48.15 16.67
CA TRP A 180 36.73 47.43 17.35
C TRP A 180 36.34 46.94 18.74
N TYR A 181 35.28 47.64 19.25
CA TYR A 181 34.93 47.32 20.63
C TYR A 181 33.61 46.61 20.80
N TRP A 182 32.65 47.06 20.01
CA TRP A 182 31.31 46.55 20.28
C TRP A 182 30.74 45.69 19.16
N ASP A 183 31.38 45.74 18.04
CA ASP A 183 30.86 44.94 16.94
C ASP A 183 31.84 43.89 16.46
N THR A 184 33.09 43.98 16.90
CA THR A 184 34.03 42.90 16.60
C THR A 184 33.69 41.61 17.33
N VAL A 185 32.77 41.65 18.28
CA VAL A 185 32.38 40.33 18.88
C VAL A 185 31.43 39.54 17.97
N THR A 186 30.75 40.18 17.03
CA THR A 186 30.03 39.51 15.91
C THR A 186 30.85 38.37 15.35
N LYS A 187 32.15 38.52 15.35
CA LYS A 187 32.99 37.49 14.74
C LYS A 187 33.36 36.41 15.75
N ILE A 188 33.57 36.66 17.17
CA ILE A 188 33.88 35.70 18.23
C ILE A 188 32.69 34.78 18.48
N CYS A 189 31.46 35.28 18.38
CA CYS A 189 30.28 34.38 18.51
C CYS A 189 30.14 33.27 17.49
N VAL A 190 30.20 33.63 16.28
CA VAL A 190 30.43 32.63 15.20
C VAL A 190 31.42 31.62 15.72
N PHE A 191 32.44 32.11 16.35
CA PHE A 191 33.46 31.12 16.67
C PHE A 191 32.93 30.07 17.64
N LEU A 192 32.22 30.55 18.78
CA LEU A 192 31.69 29.65 19.80
C LEU A 192 30.64 28.73 19.18
N PHE A 193 29.49 29.47 18.60
CA PHE A 193 28.36 28.70 18.13
C PHE A 193 28.69 27.80 16.95
N ALA A 194 29.65 28.20 16.24
CA ALA A 194 30.02 27.38 15.09
C ALA A 194 31.16 26.42 15.37
N PHE A 195 31.83 26.40 16.50
CA PHE A 195 32.93 25.45 16.72
C PHE A 195 32.86 24.70 18.03
N VAL A 196 32.37 25.57 19.09
CA VAL A 196 32.47 24.93 20.40
C VAL A 196 31.35 23.92 20.61
N VAL A 197 30.07 24.60 20.52
CA VAL A 197 28.94 23.71 20.80
C VAL A 197 28.82 22.56 19.81
N PRO A 198 28.99 22.89 18.52
CA PRO A 198 28.77 21.73 17.64
C PRO A 198 29.78 20.61 17.85
N ILE A 199 30.97 21.02 18.00
CA ILE A 199 31.99 20.00 18.20
C ILE A 199 31.75 19.25 19.50
N LEU A 200 31.41 20.09 20.45
CA LEU A 200 31.20 19.41 21.73
C LEU A 200 29.97 18.51 21.67
N ILE A 201 28.85 19.11 21.05
CA ILE A 201 27.64 18.30 21.03
C ILE A 201 27.82 17.05 20.17
N ILE A 202 28.46 17.20 19.03
CA ILE A 202 28.66 16.03 18.17
C ILE A 202 29.62 15.05 18.85
N THR A 203 30.65 15.38 19.62
CA THR A 203 31.62 14.51 20.29
C THR A 203 30.95 13.72 21.42
N VAL A 204 30.16 14.32 22.30
CA VAL A 204 29.54 13.63 23.41
C VAL A 204 28.51 12.62 22.90
N CYS A 205 27.67 13.03 21.91
CA CYS A 205 26.69 12.11 21.37
C CYS A 205 27.35 10.85 20.82
N TYR A 206 28.40 10.93 20.05
CA TYR A 206 29.03 9.76 19.46
C TYR A 206 29.80 8.95 20.51
N GLY A 207 30.35 9.55 21.59
CA GLY A 207 30.99 8.82 22.66
C GLY A 207 30.01 7.94 23.42
N LEU A 208 28.84 8.55 23.75
CA LEU A 208 27.81 7.74 24.39
C LEU A 208 27.34 6.61 23.48
N MET A 209 27.21 6.97 22.18
CA MET A 209 26.82 5.92 21.24
C MET A 209 27.81 4.76 21.27
N LEU A 210 29.08 5.08 21.42
CA LEU A 210 29.97 3.88 21.28
C LEU A 210 29.96 2.87 22.47
N LEU A 211 29.75 3.37 23.72
CA LEU A 211 29.78 2.48 24.91
C LEU A 211 28.63 1.46 24.94
N ARG A 212 27.39 2.00 24.56
CA ARG A 212 26.24 1.08 24.59
C ARG A 212 26.39 0.11 23.43
N LEU A 213 27.15 0.55 22.35
CA LEU A 213 27.20 -0.45 21.26
C LEU A 213 28.28 -1.42 21.66
N ARG A 214 29.16 -0.91 22.52
CA ARG A 214 30.17 -1.85 23.09
C ARG A 214 29.46 -2.86 23.97
N SER A 215 28.24 -2.40 24.64
CA SER A 215 27.67 -3.40 25.58
C SER A 215 26.70 -4.40 24.93
N VAL A 216 26.07 -3.95 23.82
CA VAL A 216 25.01 -4.83 23.21
C VAL A 216 25.55 -6.23 22.93
N ARG A 217 24.63 -7.09 22.65
CA ARG A 217 25.04 -8.50 22.43
C ARG A 217 25.10 -8.80 20.94
N LEU A 218 24.96 -7.86 20.15
CA LEU A 218 24.88 -8.17 18.70
C LEU A 218 26.17 -7.75 18.00
N LEU A 219 26.59 -6.58 18.09
CA LEU A 219 27.79 -6.19 17.32
C LEU A 219 29.04 -6.70 18.03
N SER A 220 28.93 -7.39 19.21
CA SER A 220 30.13 -7.79 20.00
C SER A 220 30.45 -9.28 19.83
N GLY A 221 30.82 -9.96 20.94
CA GLY A 221 31.10 -11.39 20.92
C GLY A 221 32.28 -11.78 20.06
N SER A 222 32.16 -12.93 19.29
CA SER A 222 33.30 -13.47 18.51
C SER A 222 34.00 -12.37 17.72
N LYS A 223 35.38 -12.55 17.66
CA LYS A 223 36.12 -11.59 16.81
C LYS A 223 35.54 -11.79 15.42
N GLU A 224 34.84 -12.93 15.27
CA GLU A 224 34.19 -13.18 13.97
C GLU A 224 33.54 -11.90 13.50
N LYS A 225 32.60 -11.31 14.29
CA LYS A 225 32.00 -10.12 13.69
C LYS A 225 32.42 -8.84 14.41
N ASP A 226 33.59 -9.06 15.21
CA ASP A 226 34.09 -7.90 15.94
C ASP A 226 34.70 -6.85 15.03
N ARG A 227 35.22 -7.47 13.85
CA ARG A 227 35.76 -6.50 12.90
C ARG A 227 34.70 -5.47 12.51
N SER A 228 33.52 -6.04 12.57
CA SER A 228 32.46 -5.08 12.31
C SER A 228 32.37 -4.05 13.42
N LEU A 229 32.63 -4.42 14.65
CA LEU A 229 32.63 -3.35 15.65
C LEU A 229 33.69 -2.40 15.17
N ARG A 230 34.79 -2.93 14.61
CA ARG A 230 35.92 -2.04 14.22
C ARG A 230 35.45 -1.05 13.17
N ARG A 231 34.76 -1.46 12.14
CA ARG A 231 34.44 -0.43 11.14
C ARG A 231 33.59 0.64 11.80
N ILE A 232 32.61 0.21 12.54
CA ILE A 232 31.75 1.30 13.04
C ILE A 232 32.70 2.20 13.83
N THR A 233 33.62 1.61 14.48
CA THR A 233 34.49 2.45 15.33
C THR A 233 35.23 3.43 14.43
N ARG A 234 35.77 2.99 13.31
CA ARG A 234 36.52 3.86 12.37
C ARG A 234 35.62 4.93 11.74
N MET A 235 34.46 4.53 11.24
CA MET A 235 33.64 5.62 10.67
C MET A 235 33.37 6.65 11.74
N VAL A 236 32.94 6.16 12.79
CA VAL A 236 32.57 7.22 13.76
C VAL A 236 33.82 8.00 14.02
N LEU A 237 34.98 7.36 13.73
CA LEU A 237 36.23 8.06 14.10
C LEU A 237 36.66 8.96 12.96
N VAL A 238 36.34 8.56 11.65
CA VAL A 238 36.91 9.52 10.61
C VAL A 238 36.20 10.89 10.50
N VAL A 239 34.90 10.88 10.29
CA VAL A 239 34.12 12.14 10.15
C VAL A 239 34.34 13.09 11.31
N VAL A 240 34.34 12.55 12.47
CA VAL A 240 34.63 13.51 13.57
C VAL A 240 35.93 14.25 13.26
N GLY A 241 36.99 13.49 12.99
CA GLY A 241 38.30 14.10 12.68
C GLY A 241 38.29 15.03 11.47
N ALA A 242 37.63 14.64 10.38
CA ALA A 242 37.54 15.57 9.23
C ALA A 242 36.91 16.89 9.64
N PHE A 243 35.87 16.66 10.30
CA PHE A 243 35.27 17.97 10.57
C PHE A 243 36.21 18.71 11.50
N VAL A 244 36.99 17.88 12.32
CA VAL A 244 37.83 18.61 13.33
C VAL A 244 38.98 19.28 12.60
N VAL A 245 39.60 18.55 11.73
CA VAL A 245 40.78 19.11 11.04
C VAL A 245 40.51 20.19 10.02
N CYS A 246 39.66 19.89 9.08
CA CYS A 246 39.51 20.84 7.95
C CYS A 246 38.85 22.12 8.48
N TRP A 247 37.79 22.02 9.22
CA TRP A 247 37.16 23.32 9.54
C TRP A 247 38.00 24.08 10.54
N ALA A 248 38.86 23.40 11.32
CA ALA A 248 39.60 24.02 12.44
C ALA A 248 40.52 25.14 11.99
N PRO A 249 41.47 24.93 11.08
CA PRO A 249 42.45 25.95 10.73
C PRO A 249 41.89 27.34 10.45
N ILE A 250 40.76 27.52 9.87
CA ILE A 250 40.23 28.84 9.57
C ILE A 250 39.88 29.60 10.85
N HIS A 251 39.25 28.95 11.83
CA HIS A 251 38.94 29.60 13.10
C HIS A 251 40.19 29.93 13.89
N ILE A 252 41.16 29.10 13.94
CA ILE A 252 42.41 29.39 14.63
C ILE A 252 43.07 30.62 14.04
N PHE A 253 43.10 30.92 12.76
CA PHE A 253 43.76 32.05 12.12
C PHE A 253 43.01 33.35 12.37
N VAL A 254 41.77 33.37 12.29
CA VAL A 254 41.04 34.62 12.51
C VAL A 254 41.19 35.08 13.97
N ILE A 255 41.25 34.16 14.82
CA ILE A 255 41.43 34.58 16.20
C ILE A 255 42.86 35.08 16.43
N VAL A 256 43.85 34.50 15.64
CA VAL A 256 45.22 35.01 15.71
C VAL A 256 45.30 36.43 15.15
N TRP A 257 44.64 36.40 14.00
CA TRP A 257 44.62 37.72 13.40
C TRP A 257 44.00 38.75 14.34
N THR A 258 42.99 38.21 14.97
CA THR A 258 42.38 39.12 15.92
C THR A 258 43.19 39.22 17.22
N LEU A 259 44.24 38.25 17.37
CA LEU A 259 45.09 38.28 18.55
C LEU A 259 46.39 39.05 18.29
N VAL A 260 47.23 38.64 17.25
CA VAL A 260 48.53 39.26 17.00
C VAL A 260 48.33 40.60 16.29
N ASP A 261 49.24 41.57 16.51
CA ASP A 261 49.17 42.91 15.92
C ASP A 261 50.43 43.31 15.18
N ILE A 262 51.59 42.59 15.32
CA ILE A 262 52.87 43.05 14.78
C ILE A 262 52.90 42.91 13.26
N ASP A 263 52.30 41.88 12.64
CA ASP A 263 52.38 41.59 11.22
C ASP A 263 51.01 41.74 10.57
N ARG A 264 50.99 42.53 9.39
CA ARG A 264 49.76 42.71 8.61
C ARG A 264 50.15 43.27 7.25
N ARG A 265 49.53 42.82 6.19
CA ARG A 265 49.79 43.17 4.79
C ARG A 265 51.23 42.84 4.43
N ASP A 266 51.42 41.37 4.23
CA ASP A 266 52.72 40.81 3.88
C ASP A 266 52.64 40.05 2.56
N PRO A 267 53.70 39.83 1.75
CA PRO A 267 53.72 39.08 0.49
C PRO A 267 53.69 37.57 0.64
N LEU A 268 53.58 36.99 1.89
CA LEU A 268 53.61 35.53 2.11
C LEU A 268 52.34 35.12 2.81
N VAL A 269 51.78 36.07 3.60
CA VAL A 269 50.66 35.65 4.45
C VAL A 269 49.38 35.51 3.63
N VAL A 270 49.22 36.20 2.63
CA VAL A 270 48.03 36.10 1.80
C VAL A 270 47.96 34.73 1.14
N ALA A 271 49.14 34.30 0.82
CA ALA A 271 49.18 32.95 0.24
C ALA A 271 48.46 32.00 1.20
N ALA A 272 48.83 32.10 2.49
CA ALA A 272 48.26 31.15 3.45
C ALA A 272 46.78 31.40 3.58
N LEU A 273 46.54 32.67 4.03
CA LEU A 273 45.11 32.88 4.30
C LEU A 273 44.35 32.17 3.22
N HIS A 274 44.81 32.51 2.07
CA HIS A 274 44.00 31.90 1.01
C HIS A 274 44.36 30.42 0.97
N LEU A 275 45.57 30.16 1.34
CA LEU A 275 45.92 28.72 1.41
C LEU A 275 44.97 27.97 2.34
N CYS A 276 44.66 28.69 3.49
CA CYS A 276 43.83 27.99 4.48
C CYS A 276 42.36 28.08 4.09
N ILE A 277 41.82 29.35 3.74
CA ILE A 277 40.38 29.30 3.31
C ILE A 277 40.21 28.20 2.26
N ALA A 278 41.30 27.99 1.62
CA ALA A 278 41.23 26.88 0.65
C ALA A 278 40.76 25.55 1.27
N LEU A 279 41.49 25.09 2.25
CA LEU A 279 41.14 23.76 2.77
C LEU A 279 39.73 23.82 3.34
N GLY A 280 39.21 25.13 3.41
CA GLY A 280 37.87 25.25 3.99
C GLY A 280 36.83 24.74 3.03
N TYR A 281 36.84 25.28 1.85
CA TYR A 281 35.81 24.86 0.91
C TYR A 281 36.10 23.38 0.74
N ALA A 282 37.24 23.04 1.12
CA ALA A 282 37.62 21.64 0.94
C ALA A 282 37.13 20.68 2.00
N ASN A 283 36.52 21.25 2.96
CA ASN A 283 35.80 20.39 3.91
C ASN A 283 34.50 20.17 3.17
N SER A 284 33.77 21.23 2.95
CA SER A 284 32.54 21.13 2.14
C SER A 284 32.63 20.04 1.09
N SER A 285 33.66 20.06 0.26
CA SER A 285 33.73 19.10 -0.85
C SER A 285 33.65 17.62 -0.48
N LEU A 286 34.60 17.14 0.31
CA LEU A 286 34.60 15.73 0.78
C LEU A 286 33.39 15.60 1.70
N ASN A 287 33.04 16.65 2.41
CA ASN A 287 31.86 16.65 3.31
C ASN A 287 30.73 15.81 2.76
N PRO A 288 30.26 16.03 1.64
CA PRO A 288 29.24 15.08 1.18
C PRO A 288 30.00 13.96 0.49
N VAL A 289 31.16 14.27 0.46
CA VAL A 289 31.92 13.23 -0.22
C VAL A 289 32.01 11.97 0.63
N LEU A 290 32.18 12.13 2.10
CA LEU A 290 32.39 10.97 2.98
C LEU A 290 31.13 10.13 3.10
N TYR A 291 29.79 10.80 3.10
CA TYR A 291 28.52 10.09 3.27
C TYR A 291 28.01 9.47 1.98
N ALA A 292 28.93 9.34 0.95
CA ALA A 292 28.63 8.59 -0.26
C ALA A 292 29.63 7.48 -0.55
N PHE A 293 30.76 7.40 0.23
CA PHE A 293 31.79 6.43 -0.06
C PHE A 293 31.74 5.23 0.88
N LEU A 294 31.17 5.40 2.19
CA LEU A 294 31.05 4.34 3.18
C LEU A 294 29.63 4.07 3.62
N ASP A 295 28.62 4.70 3.15
CA ASP A 295 27.22 4.51 3.54
C ASP A 295 26.78 3.13 3.05
N GLU A 296 26.44 2.33 4.10
CA GLU A 296 26.26 0.93 3.74
C GLU A 296 25.02 0.71 2.87
N ASN A 297 23.89 1.53 3.32
CA ASN A 297 22.70 1.36 2.49
C ASN A 297 22.97 1.80 1.05
N PHE A 298 23.76 2.81 0.71
CA PHE A 298 24.20 3.17 -0.62
C PHE A 298 25.19 2.14 -1.17
N LYS A 299 26.00 1.36 -0.44
CA LYS A 299 26.87 0.27 -0.87
C LYS A 299 26.07 -0.88 -1.47
N ARG A 300 25.04 -1.25 -0.83
CA ARG A 300 24.15 -2.26 -1.39
C ARG A 300 23.48 -1.75 -2.67
N CYS A 301 23.23 -0.44 -2.74
CA CYS A 301 22.72 0.17 -3.96
C CYS A 301 23.70 0.00 -5.11
N PHE A 302 25.04 0.30 -4.90
CA PHE A 302 26.06 0.15 -5.92
C PHE A 302 26.23 -1.31 -6.31
N ARG A 303 26.22 -2.21 -5.35
CA ARG A 303 26.29 -3.64 -5.65
C ARG A 303 25.16 -4.06 -6.57
N GLY B 19 -5.31 -50.89 -5.56
CA GLY B 19 -5.56 -49.99 -6.70
C GLY B 19 -5.50 -50.74 -8.01
N SER B 20 -5.64 -52.09 -7.95
CA SER B 20 -5.51 -52.93 -9.16
C SER B 20 -6.42 -52.41 -10.28
N GLU B 21 -7.70 -52.31 -10.00
CA GLU B 21 -8.63 -51.89 -11.06
C GLU B 21 -8.29 -50.46 -11.49
N LEU B 22 -8.04 -49.61 -10.52
CA LEU B 22 -7.64 -48.23 -10.88
C LEU B 22 -6.57 -48.34 -11.97
N ASP B 23 -5.48 -49.13 -11.67
CA ASP B 23 -4.39 -49.31 -12.66
C ASP B 23 -4.99 -49.73 -13.99
N GLN B 24 -6.03 -50.59 -13.95
CA GLN B 24 -6.51 -51.07 -15.27
C GLN B 24 -7.23 -49.94 -16.01
N LEU B 25 -8.09 -49.25 -15.33
CA LEU B 25 -8.92 -48.26 -16.05
C LEU B 25 -8.15 -46.97 -16.30
N ARG B 26 -7.19 -46.67 -15.39
CA ARG B 26 -6.39 -45.48 -15.72
C ARG B 26 -5.61 -45.83 -16.98
N GLN B 27 -5.19 -47.13 -17.09
CA GLN B 27 -4.42 -47.58 -18.26
C GLN B 27 -5.33 -47.53 -19.48
N GLU B 28 -6.56 -47.97 -19.29
CA GLU B 28 -7.54 -47.90 -20.40
C GLU B 28 -7.64 -46.43 -20.86
N ALA B 29 -7.70 -45.55 -19.87
CA ALA B 29 -7.89 -44.13 -20.22
C ALA B 29 -6.62 -43.58 -20.85
N GLU B 30 -5.45 -44.09 -20.45
CA GLU B 30 -4.17 -43.69 -21.08
C GLU B 30 -4.24 -44.23 -22.51
N GLN B 31 -4.83 -45.42 -22.67
CA GLN B 31 -5.05 -45.95 -24.01
C GLN B 31 -6.03 -45.09 -24.79
N LEU B 32 -7.03 -44.76 -24.02
CA LEU B 32 -7.95 -43.85 -24.69
C LEU B 32 -7.25 -42.57 -25.12
N LYS B 33 -6.42 -42.21 -23.89
CA LYS B 33 -5.63 -41.03 -24.25
C LYS B 33 -4.70 -41.32 -25.41
N ASN B 34 -4.16 -42.47 -25.46
CA ASN B 34 -3.27 -42.85 -26.55
C ASN B 34 -4.04 -42.97 -27.86
N GLN B 35 -5.30 -43.43 -27.81
CA GLN B 35 -6.12 -43.48 -29.02
C GLN B 35 -6.46 -42.08 -29.50
N ILE B 36 -6.77 -41.24 -28.48
CA ILE B 36 -7.03 -39.85 -28.85
C ILE B 36 -5.78 -39.23 -29.47
N ARG B 37 -4.54 -39.79 -28.68
CA ARG B 37 -3.29 -39.29 -29.25
C ARG B 37 -3.02 -39.89 -30.62
N ASP B 38 -3.28 -41.12 -30.70
CA ASP B 38 -3.13 -41.73 -32.01
C ASP B 38 -4.01 -41.03 -33.03
N ALA B 39 -5.14 -40.75 -32.41
CA ALA B 39 -6.00 -39.96 -33.29
C ALA B 39 -5.41 -38.57 -33.54
N ARG B 40 -4.77 -37.92 -32.24
CA ARG B 40 -4.08 -36.64 -32.36
C ARG B 40 -2.98 -36.69 -33.41
N LYS B 41 -2.11 -37.68 -33.28
CA LYS B 41 -0.98 -37.81 -34.23
C LYS B 41 -1.54 -38.08 -35.61
N ALA B 42 -2.69 -38.77 -35.67
CA ALA B 42 -3.24 -39.16 -36.99
C ALA B 42 -3.54 -37.89 -37.77
N CYS B 43 -4.48 -37.10 -37.26
CA CYS B 43 -4.89 -35.87 -38.00
C CYS B 43 -3.96 -34.71 -37.67
N ALA B 44 -3.19 -34.80 -36.59
CA ALA B 44 -2.40 -33.61 -36.21
C ALA B 44 -0.93 -33.91 -35.91
N ASP B 45 -0.07 -32.93 -36.17
CA ASP B 45 1.34 -33.10 -35.76
C ASP B 45 1.29 -33.06 -34.23
N ALA B 46 0.08 -32.97 -33.68
CA ALA B 46 -0.06 -32.85 -32.21
C ALA B 46 0.54 -31.51 -31.78
N THR B 47 1.64 -31.11 -32.40
CA THR B 47 2.29 -29.87 -31.95
C THR B 47 1.19 -28.82 -31.93
N LEU B 48 0.20 -28.99 -32.79
CA LEU B 48 -0.86 -27.96 -32.91
C LEU B 48 -0.14 -26.64 -33.21
N SER B 49 1.18 -26.69 -33.45
CA SER B 49 1.95 -25.50 -33.86
C SER B 49 2.21 -25.68 -35.35
N GLN B 50 2.65 -26.88 -35.74
CA GLN B 50 2.79 -27.14 -37.20
C GLN B 50 1.38 -27.28 -37.77
N ILE B 51 0.36 -27.49 -36.92
CA ILE B 51 -1.04 -27.48 -37.46
C ILE B 51 -1.37 -25.99 -37.53
N THR B 52 -0.36 -25.13 -37.38
CA THR B 52 -0.56 -23.66 -37.56
C THR B 52 0.66 -23.12 -38.32
N ASN B 53 1.50 -24.00 -38.87
CA ASN B 53 2.69 -23.59 -39.58
C ASN B 53 2.42 -22.52 -40.65
N ASN B 54 1.21 -22.43 -41.12
CA ASN B 54 0.87 -21.47 -42.15
C ASN B 54 0.46 -20.11 -41.60
N ILE B 55 0.50 -19.92 -40.18
CA ILE B 55 0.12 -18.64 -39.61
C ILE B 55 1.20 -17.60 -39.88
N ASP B 56 0.86 -16.28 -39.79
CA ASP B 56 1.80 -15.19 -39.96
C ASP B 56 2.24 -14.71 -38.59
N PRO B 57 3.55 -14.64 -38.27
CA PRO B 57 4.00 -14.07 -37.02
C PRO B 57 3.42 -12.70 -36.69
N VAL B 58 3.32 -12.37 -35.36
CA VAL B 58 2.83 -11.07 -34.91
C VAL B 58 4.03 -10.21 -34.51
N GLY B 59 4.05 -8.89 -34.87
CA GLY B 59 5.14 -8.00 -34.54
C GLY B 59 5.24 -7.75 -33.05
N ARG B 60 6.42 -7.08 -32.49
CA ARG B 60 6.67 -6.78 -31.09
C ARG B 60 5.64 -5.80 -30.56
N ILE B 61 5.20 -6.04 -29.40
CA ILE B 61 4.21 -5.20 -28.75
C ILE B 61 4.89 -4.55 -27.56
N GLN B 62 5.15 -3.29 -27.69
CA GLN B 62 5.77 -2.52 -26.63
C GLN B 62 4.68 -1.76 -25.88
N MET B 63 4.43 -2.14 -24.65
CA MET B 63 3.40 -1.52 -23.84
C MET B 63 4.00 -0.41 -23.00
N ARG B 64 3.06 0.29 -22.52
CA ARG B 64 3.51 1.39 -21.70
C ARG B 64 2.58 1.55 -20.51
N THR B 65 3.15 2.00 -19.45
CA THR B 65 2.35 2.29 -18.27
C THR B 65 1.44 3.47 -18.55
N ARG B 66 0.41 3.43 -17.91
CA ARG B 66 -0.49 4.57 -17.98
C ARG B 66 -0.50 5.37 -16.68
N ARG B 67 -0.85 4.78 -15.54
CA ARG B 67 -0.72 5.39 -14.21
C ARG B 67 -0.26 4.34 -13.23
N THR B 68 0.53 4.74 -12.14
CA THR B 68 0.97 3.88 -11.05
C THR B 68 0.04 4.11 -9.86
N LEU B 69 -0.41 2.85 -9.20
CA LEU B 69 -1.51 2.88 -8.22
C LEU B 69 -0.93 2.73 -6.82
N ARG B 70 -0.88 3.81 -6.13
CA ARG B 70 -0.38 3.82 -4.77
C ARG B 70 -1.50 3.48 -3.79
N GLY B 71 -1.19 3.52 -2.56
CA GLY B 71 -2.21 3.40 -1.54
C GLY B 71 -1.91 2.43 -0.42
N HIS B 72 -1.22 1.36 -0.77
CA HIS B 72 -0.98 0.34 0.23
C HIS B 72 0.34 0.60 0.96
N LEU B 73 0.70 -0.10 1.97
CA LEU B 73 1.94 -0.05 2.73
C LEU B 73 2.67 -1.39 2.78
N ALA B 74 2.03 -2.41 2.55
CA ALA B 74 2.67 -3.72 2.54
C ALA B 74 2.41 -4.42 1.21
N LYS B 75 2.78 -5.61 1.09
CA LYS B 75 2.61 -6.34 -0.16
C LYS B 75 1.15 -6.60 -0.46
N ILE B 76 0.74 -6.59 -1.78
CA ILE B 76 -0.63 -6.79 -2.25
C ILE B 76 -0.82 -8.26 -2.55
N TYR B 77 -1.96 -8.85 -1.91
CA TYR B 77 -2.18 -10.28 -2.13
C TYR B 77 -3.39 -10.59 -3.00
N ALA B 78 -4.24 -9.50 -3.53
CA ALA B 78 -5.41 -9.77 -4.34
C ALA B 78 -5.73 -8.56 -5.20
N MET B 79 -6.31 -8.66 -6.41
CA MET B 79 -6.76 -7.62 -7.33
C MET B 79 -7.73 -8.25 -8.31
N HIS B 80 -8.99 -7.93 -8.12
CA HIS B 80 -10.04 -8.42 -9.02
C HIS B 80 -10.66 -7.24 -9.68
N TRP B 81 -10.99 -7.37 -10.93
CA TRP B 81 -11.55 -6.27 -11.72
C TRP B 81 -13.04 -6.32 -11.59
N GLY B 82 -13.67 -5.23 -11.91
CA GLY B 82 -15.11 -5.13 -11.83
C GLY B 82 -15.78 -5.59 -13.10
N THR B 83 -17.06 -5.30 -13.29
CA THR B 83 -17.69 -5.84 -14.53
C THR B 83 -17.99 -4.70 -15.49
N ASP B 84 -17.65 -3.50 -15.12
CA ASP B 84 -17.80 -2.35 -16.04
C ASP B 84 -16.41 -1.90 -16.40
N SER B 85 -15.42 -2.71 -16.05
CA SER B 85 -14.06 -2.35 -16.44
C SER B 85 -13.67 -0.98 -15.91
N ARG B 86 -14.26 -0.63 -14.72
CA ARG B 86 -14.04 0.70 -14.18
C ARG B 86 -13.55 0.70 -12.73
N LEU B 87 -13.98 -0.28 -12.03
CA LEU B 87 -13.63 -0.32 -10.61
C LEU B 87 -12.62 -1.43 -10.35
N LEU B 88 -11.80 -1.30 -9.32
CA LEU B 88 -10.79 -2.28 -8.96
C LEU B 88 -10.74 -2.45 -7.44
N VAL B 89 -10.52 -3.75 -7.05
CA VAL B 89 -10.47 -4.10 -5.63
C VAL B 89 -9.15 -4.81 -5.36
N SER B 90 -8.50 -4.38 -4.43
CA SER B 90 -7.24 -4.99 -4.03
C SER B 90 -7.25 -5.30 -2.54
N ALA B 91 -6.39 -6.25 -2.24
CA ALA B 91 -6.31 -6.75 -0.86
C ALA B 91 -4.86 -6.72 -0.38
N SER B 92 -4.57 -6.08 0.69
CA SER B 92 -3.23 -5.97 1.26
C SER B 92 -3.16 -6.70 2.59
N GLN B 93 -2.01 -6.82 3.10
CA GLN B 93 -1.77 -7.50 4.37
C GLN B 93 -1.91 -6.57 5.57
N ASP B 94 -2.17 -5.17 5.55
CA ASP B 94 -2.39 -4.26 6.65
C ASP B 94 -3.79 -4.40 7.23
N GLY B 95 -4.73 -5.20 6.66
CA GLY B 95 -6.11 -5.30 7.04
C GLY B 95 -7.04 -4.38 6.29
N LYS B 96 -6.69 -4.07 5.04
CA LYS B 96 -7.44 -3.08 4.25
C LYS B 96 -7.84 -3.62 2.90
N LEU B 97 -9.10 -3.48 2.50
CA LEU B 97 -9.58 -3.81 1.15
C LEU B 97 -9.88 -2.44 0.58
N ILE B 98 -9.31 -2.06 -0.54
CA ILE B 98 -9.47 -0.74 -1.15
C ILE B 98 -10.14 -0.89 -2.51
N ILE B 99 -11.27 -0.11 -2.76
CA ILE B 99 -11.99 -0.04 -4.03
C ILE B 99 -11.85 1.37 -4.57
N TRP B 100 -11.49 1.49 -5.78
CA TRP B 100 -11.28 2.79 -6.40
C TRP B 100 -11.72 2.77 -7.86
N ASP B 101 -11.41 3.86 -8.59
CA ASP B 101 -11.80 4.07 -10.00
C ASP B 101 -10.54 4.11 -10.81
N SER B 102 -10.42 3.27 -11.87
CA SER B 102 -9.15 3.15 -12.59
C SER B 102 -8.93 4.35 -13.49
N TYR B 103 -9.82 4.60 -14.40
CA TYR B 103 -9.55 5.69 -15.33
C TYR B 103 -8.90 6.88 -14.63
N THR B 104 -9.46 7.25 -13.50
CA THR B 104 -8.99 8.43 -12.81
C THR B 104 -8.05 8.13 -11.64
N THR B 105 -7.86 6.82 -11.30
CA THR B 105 -7.00 6.39 -10.19
C THR B 105 -7.42 7.04 -8.87
N ASN B 106 -8.79 7.10 -8.54
CA ASN B 106 -9.37 7.64 -7.32
C ASN B 106 -10.03 6.51 -6.54
N LYS B 107 -9.84 6.56 -5.14
CA LYS B 107 -10.39 5.53 -4.26
C LYS B 107 -11.82 5.88 -3.87
N VAL B 108 -12.70 4.95 -3.97
CA VAL B 108 -14.14 5.17 -3.71
C VAL B 108 -14.51 4.74 -2.31
N HIS B 109 -13.99 3.70 -1.83
CA HIS B 109 -14.27 3.20 -0.47
C HIS B 109 -13.02 2.55 0.06
N ALA B 110 -12.92 2.21 1.33
CA ALA B 110 -11.81 1.68 2.12
C ALA B 110 -12.40 0.85 3.24
N ILE B 111 -12.46 -0.57 3.13
CA ILE B 111 -13.08 -1.50 4.07
C ILE B 111 -12.01 -2.01 5.02
N PRO B 112 -12.26 -1.68 6.54
CA PRO B 112 -11.42 -2.37 7.52
C PRO B 112 -11.92 -3.79 7.77
N LEU B 113 -11.10 -4.59 8.32
CA LEU B 113 -11.41 -5.99 8.57
C LEU B 113 -11.10 -6.35 10.01
N ARG B 114 -11.84 -7.35 10.52
CA ARG B 114 -11.61 -7.86 11.86
C ARG B 114 -10.33 -8.70 11.93
N SER B 115 -10.09 -9.48 10.87
CA SER B 115 -8.84 -10.20 10.76
C SER B 115 -7.88 -9.42 9.86
N SER B 116 -6.56 -9.81 9.65
CA SER B 116 -5.55 -9.11 8.86
C SER B 116 -4.64 -10.08 8.12
N TRP B 117 -5.10 -11.24 7.71
CA TRP B 117 -4.30 -12.26 7.04
C TRP B 117 -5.02 -12.79 5.82
N VAL B 118 -5.58 -11.82 5.07
CA VAL B 118 -6.32 -12.22 3.88
C VAL B 118 -5.35 -12.53 2.75
N MET B 119 -5.66 -13.39 1.93
CA MET B 119 -4.84 -13.78 0.79
C MET B 119 -5.59 -13.78 -0.53
N THR B 120 -6.92 -13.44 -0.50
CA THR B 120 -7.68 -13.40 -1.74
C THR B 120 -8.89 -12.51 -1.55
N CYS B 121 -9.47 -12.01 -2.68
CA CYS B 121 -10.65 -11.15 -2.65
C CYS B 121 -11.48 -11.41 -3.91
N ALA B 122 -12.77 -11.09 -3.81
CA ALA B 122 -13.69 -11.26 -4.94
C ALA B 122 -14.64 -10.07 -5.00
N TYR B 123 -15.06 -9.87 -6.20
CA TYR B 123 -15.96 -8.74 -6.44
C TYR B 123 -17.18 -9.26 -7.19
N ALA B 124 -18.44 -9.26 -6.64
CA ALA B 124 -19.65 -9.79 -7.24
C ALA B 124 -19.96 -9.08 -8.56
N PRO B 125 -20.46 -9.81 -9.46
CA PRO B 125 -20.79 -9.16 -10.73
C PRO B 125 -22.12 -8.43 -10.68
N SER B 126 -22.26 -7.65 -9.57
CA SER B 126 -23.44 -6.82 -9.43
C SER B 126 -23.16 -5.47 -8.79
N GLY B 127 -21.91 -5.31 -8.32
CA GLY B 127 -21.49 -4.06 -7.69
C GLY B 127 -22.12 -3.89 -6.34
N ASN B 128 -22.62 -4.95 -5.76
CA ASN B 128 -23.29 -4.73 -4.47
C ASN B 128 -22.48 -5.32 -3.34
N TYR B 129 -21.68 -6.34 -3.57
CA TYR B 129 -21.00 -7.07 -2.52
C TYR B 129 -19.55 -7.33 -2.90
N VAL B 130 -18.73 -7.52 -1.90
CA VAL B 130 -17.36 -7.97 -2.07
C VAL B 130 -17.09 -9.12 -1.11
N ALA B 131 -16.06 -9.89 -1.40
CA ALA B 131 -15.75 -11.08 -0.62
C ALA B 131 -14.28 -11.09 -0.25
N CYS B 132 -13.93 -11.41 0.98
CA CYS B 132 -12.55 -11.48 1.44
C CYS B 132 -12.39 -12.56 2.50
N GLY B 133 -11.20 -13.19 2.47
CA GLY B 133 -10.95 -14.23 3.45
C GLY B 133 -9.65 -14.98 3.24
N GLY B 134 -8.95 -15.18 4.30
CA GLY B 134 -7.71 -15.93 4.22
C GLY B 134 -7.02 -16.07 5.55
N LEU B 135 -6.56 -17.21 5.82
CA LEU B 135 -5.75 -17.53 7.00
C LEU B 135 -6.51 -17.34 8.31
N ASP B 136 -8.00 -17.26 8.33
CA ASP B 136 -8.81 -17.12 9.53
C ASP B 136 -10.01 -18.06 9.56
N ASN B 137 -10.15 -19.06 8.70
CA ASN B 137 -11.19 -20.09 8.58
C ASN B 137 -12.58 -19.52 8.29
N ILE B 138 -12.72 -18.28 8.37
CA ILE B 138 -14.02 -17.65 8.22
C ILE B 138 -13.97 -16.69 7.04
N CYS B 139 -14.94 -16.86 6.21
CA CYS B 139 -15.10 -15.92 5.11
C CYS B 139 -16.09 -14.85 5.50
N SER B 140 -16.00 -13.64 4.84
CA SER B 140 -16.85 -12.50 5.15
C SER B 140 -17.39 -11.92 3.86
N ILE B 141 -18.73 -11.77 3.65
CA ILE B 141 -19.41 -11.09 2.56
C ILE B 141 -19.83 -9.72 3.09
N TYR B 142 -19.37 -8.61 2.41
CA TYR B 142 -19.59 -7.23 2.81
C TYR B 142 -20.56 -6.55 1.85
N ASN B 143 -21.46 -5.76 2.41
CA ASN B 143 -22.49 -5.03 1.67
C ASN B 143 -22.04 -3.59 1.48
N LEU B 144 -22.28 -3.08 0.36
CA LEU B 144 -21.86 -1.72 0.04
C LEU B 144 -23.00 -0.72 -0.07
N LYS B 145 -24.11 -1.20 -0.52
CA LYS B 145 -25.24 -0.31 -0.74
C LYS B 145 -26.14 -0.39 0.49
N THR B 146 -25.94 0.47 1.35
CA THR B 146 -26.70 0.50 2.59
C THR B 146 -27.28 1.89 2.78
N ARG B 147 -28.57 1.83 3.02
CA ARG B 147 -29.19 3.10 3.37
C ARG B 147 -28.54 3.74 4.59
N GLU B 148 -27.93 2.91 5.32
CA GLU B 148 -27.26 3.45 6.50
C GLU B 148 -26.13 4.39 6.13
N GLY B 149 -25.50 4.12 4.96
CA GLY B 149 -24.46 4.99 4.46
C GLY B 149 -23.05 4.47 4.63
N ASN B 150 -22.82 3.36 5.49
CA ASN B 150 -21.49 2.81 5.73
C ASN B 150 -21.44 1.35 5.28
N VAL B 151 -20.23 0.88 5.10
CA VAL B 151 -20.02 -0.51 4.68
C VAL B 151 -19.98 -1.40 5.91
N ARG B 152 -20.84 -2.48 5.95
CA ARG B 152 -20.93 -3.38 7.09
C ARG B 152 -20.97 -4.82 6.59
N VAL B 153 -20.69 -5.71 7.57
CA VAL B 153 -20.65 -7.13 7.22
C VAL B 153 -22.06 -7.62 6.94
N SER B 154 -22.22 -8.58 6.03
CA SER B 154 -23.62 -9.01 5.84
C SER B 154 -23.73 -10.46 6.29
N ARG B 155 -22.65 -11.18 6.17
CA ARG B 155 -22.62 -12.58 6.64
C ARG B 155 -21.18 -12.84 7.03
N GLU B 156 -20.92 -13.97 7.66
CA GLU B 156 -19.54 -14.34 8.03
C GLU B 156 -19.50 -15.86 7.86
N LEU B 157 -19.27 -16.33 6.65
CA LEU B 157 -19.37 -17.79 6.48
C LEU B 157 -18.29 -18.46 7.32
N ALA B 158 -18.61 -19.49 8.11
CA ALA B 158 -17.70 -20.32 8.88
C ALA B 158 -18.07 -21.79 8.70
N GLY B 159 -17.16 -22.60 9.08
CA GLY B 159 -17.39 -24.02 8.93
C GLY B 159 -16.25 -24.75 8.24
N HIS B 160 -15.20 -24.00 8.02
CA HIS B 160 -14.01 -24.60 7.43
C HIS B 160 -12.97 -24.85 8.50
N THR B 161 -12.19 -25.81 8.14
CA THR B 161 -11.14 -26.24 9.07
C THR B 161 -9.76 -25.89 8.54
N GLY B 162 -9.70 -24.66 7.92
CA GLY B 162 -8.42 -24.26 7.37
C GLY B 162 -8.47 -22.83 6.89
N TYR B 163 -7.49 -22.43 6.10
CA TYR B 163 -7.40 -21.09 5.54
C TYR B 163 -8.04 -21.07 4.16
N LEU B 164 -8.80 -20.01 3.83
CA LEU B 164 -9.50 -19.89 2.56
C LEU B 164 -8.53 -19.39 1.49
N SER B 165 -8.35 -20.15 0.38
CA SER B 165 -7.45 -19.78 -0.70
C SER B 165 -8.08 -18.81 -1.68
N CYS B 166 -9.22 -19.13 -2.12
CA CYS B 166 -9.88 -18.28 -3.11
C CYS B 166 -11.36 -18.22 -2.84
N CYS B 167 -11.96 -17.10 -2.97
CA CYS B 167 -13.39 -16.93 -2.84
C CYS B 167 -13.91 -16.20 -4.07
N ARG B 168 -15.11 -16.70 -4.55
CA ARG B 168 -15.70 -16.13 -5.76
C ARG B 168 -17.21 -16.09 -5.63
N PHE B 169 -17.83 -15.42 -6.67
CA PHE B 169 -19.28 -15.27 -6.73
C PHE B 169 -19.82 -15.97 -7.96
N LEU B 170 -20.93 -16.69 -7.96
CA LEU B 170 -21.52 -17.51 -9.02
C LEU B 170 -22.76 -16.81 -9.57
N ASP B 171 -22.47 -15.84 -10.55
CA ASP B 171 -23.52 -15.24 -11.38
C ASP B 171 -24.60 -14.50 -10.60
N ASP B 172 -24.44 -14.43 -9.40
CA ASP B 172 -25.47 -13.85 -8.58
C ASP B 172 -24.88 -13.45 -7.23
N ASN B 173 -25.51 -12.48 -6.64
CA ASN B 173 -25.16 -12.15 -5.27
C ASN B 173 -25.93 -13.01 -4.27
N GLN B 174 -25.96 -14.31 -4.52
CA GLN B 174 -26.60 -15.26 -3.55
C GLN B 174 -25.95 -16.65 -3.60
N ILE B 175 -24.94 -16.85 -4.42
CA ILE B 175 -24.21 -18.14 -4.43
C ILE B 175 -22.70 -17.90 -4.58
N VAL B 176 -21.92 -17.94 -3.51
CA VAL B 176 -20.44 -17.72 -3.49
C VAL B 176 -19.77 -19.08 -3.69
N THR B 177 -18.57 -19.33 -4.14
CA THR B 177 -17.84 -20.63 -4.28
C THR B 177 -16.42 -20.48 -3.70
N SER B 178 -15.91 -21.55 -2.88
CA SER B 178 -14.59 -21.41 -2.19
C SER B 178 -13.71 -22.67 -2.25
N SER B 179 -12.48 -22.46 -1.81
CA SER B 179 -11.47 -23.52 -1.75
C SER B 179 -10.54 -23.17 -0.60
N GLY B 180 -10.21 -24.10 0.29
CA GLY B 180 -9.40 -23.72 1.47
C GLY B 180 -8.18 -24.59 1.73
N ASP B 181 -8.31 -25.56 2.61
CA ASP B 181 -7.24 -26.52 2.90
C ASP B 181 -7.24 -27.69 1.92
N THR B 182 -8.48 -28.32 1.98
CA THR B 182 -8.54 -29.48 1.10
C THR B 182 -9.93 -29.65 0.49
N THR B 183 -10.85 -28.73 0.67
CA THR B 183 -12.17 -28.97 0.04
C THR B 183 -12.62 -27.72 -0.70
N CYS B 184 -13.44 -27.85 -1.74
CA CYS B 184 -14.03 -26.67 -2.41
C CYS B 184 -15.51 -26.68 -2.07
N ALA B 185 -16.02 -25.66 -1.39
CA ALA B 185 -17.42 -25.70 -0.92
C ALA B 185 -18.29 -24.58 -1.43
N LEU B 186 -19.54 -24.92 -1.67
CA LEU B 186 -20.42 -23.89 -2.29
C LEU B 186 -21.37 -23.38 -1.22
N TRP B 187 -22.22 -22.46 -1.53
CA TRP B 187 -23.01 -21.93 -0.39
C TRP B 187 -24.25 -21.16 -0.80
N ASP B 188 -24.77 -20.47 0.04
CA ASP B 188 -25.97 -19.64 -0.18
C ASP B 188 -25.93 -18.51 0.83
N ILE B 189 -25.79 -17.21 0.29
CA ILE B 189 -25.54 -16.08 1.18
C ILE B 189 -26.66 -15.96 2.23
N GLU B 190 -27.91 -16.19 1.89
CA GLU B 190 -28.98 -15.92 2.88
C GLU B 190 -28.93 -16.95 3.99
N THR B 191 -29.42 -18.15 3.74
CA THR B 191 -29.39 -19.26 4.72
C THR B 191 -28.07 -19.30 5.44
N GLY B 192 -26.96 -19.17 4.72
CA GLY B 192 -25.73 -19.33 5.45
C GLY B 192 -25.27 -20.76 5.63
N GLN B 193 -25.74 -21.71 4.74
CA GLN B 193 -25.41 -23.11 4.85
C GLN B 193 -24.75 -23.59 3.56
N GLN B 194 -23.89 -24.53 3.72
CA GLN B 194 -23.19 -25.09 2.59
C GLN B 194 -24.17 -25.83 1.68
N THR B 195 -23.81 -25.96 0.49
CA THR B 195 -24.60 -26.70 -0.48
C THR B 195 -23.68 -27.26 -1.54
N THR B 196 -23.89 -28.47 -1.79
CA THR B 196 -23.12 -29.16 -2.81
C THR B 196 -21.61 -29.03 -2.55
N THR B 197 -21.01 -29.54 -1.32
CA THR B 197 -19.61 -29.52 -0.89
C THR B 197 -18.80 -30.47 -1.76
N PHE B 198 -17.91 -29.80 -2.49
CA PHE B 198 -17.08 -30.61 -3.36
C PHE B 198 -15.94 -31.25 -2.57
N THR B 199 -15.47 -32.33 -3.28
CA THR B 199 -14.37 -33.04 -2.66
C THR B 199 -13.68 -33.89 -3.72
N GLY B 200 -12.58 -34.42 -3.31
CA GLY B 200 -11.85 -35.29 -4.20
C GLY B 200 -10.40 -34.89 -4.39
N HIS B 201 -10.00 -33.95 -3.55
CA HIS B 201 -8.62 -33.48 -3.66
C HIS B 201 -7.73 -34.19 -2.65
N THR B 202 -6.44 -34.09 -2.77
CA THR B 202 -5.46 -34.67 -1.87
C THR B 202 -4.55 -33.61 -1.24
N GLY B 203 -4.01 -32.71 -2.04
CA GLY B 203 -3.17 -31.66 -1.52
C GLY B 203 -3.95 -30.49 -0.98
N ASP B 204 -3.57 -29.23 -1.29
CA ASP B 204 -4.26 -28.03 -0.71
C ASP B 204 -4.67 -27.03 -1.78
N VAL B 205 -5.95 -26.79 -2.02
CA VAL B 205 -6.39 -25.99 -3.21
C VAL B 205 -5.86 -24.57 -3.22
N MET B 206 -5.30 -24.12 -4.35
CA MET B 206 -4.80 -22.74 -4.22
C MET B 206 -5.10 -21.86 -5.44
N SER B 207 -6.13 -22.28 -6.48
CA SER B 207 -6.53 -21.44 -7.64
C SER B 207 -7.91 -21.82 -8.16
N LEU B 208 -8.91 -21.00 -8.17
CA LEU B 208 -10.30 -21.40 -8.56
C LEU B 208 -10.81 -20.51 -9.66
N SER B 209 -11.28 -21.27 -10.67
CA SER B 209 -11.85 -20.50 -11.79
C SER B 209 -13.31 -20.82 -11.99
N LEU B 210 -13.78 -20.44 -13.13
CA LEU B 210 -15.16 -20.65 -13.53
C LEU B 210 -15.37 -20.24 -14.98
N ALA B 211 -16.44 -20.70 -15.90
CA ALA B 211 -16.74 -20.42 -17.29
C ALA B 211 -17.36 -19.04 -17.44
N PRO B 212 -17.41 -18.38 -18.62
CA PRO B 212 -18.13 -17.11 -18.83
C PRO B 212 -19.61 -17.27 -18.54
N ASP B 213 -20.33 -18.04 -19.17
CA ASP B 213 -21.69 -18.46 -18.81
C ASP B 213 -21.59 -19.59 -17.79
N THR B 214 -21.15 -19.15 -16.50
CA THR B 214 -20.62 -20.10 -15.53
C THR B 214 -21.65 -21.13 -15.06
N ARG B 215 -21.51 -22.43 -15.59
CA ARG B 215 -22.17 -23.60 -15.02
C ARG B 215 -21.19 -24.73 -14.78
N LEU B 216 -19.83 -24.64 -15.27
CA LEU B 216 -18.76 -25.59 -15.02
C LEU B 216 -17.51 -24.81 -14.65
N PHE B 217 -16.58 -25.25 -13.76
CA PHE B 217 -15.42 -24.52 -13.25
C PHE B 217 -14.30 -25.49 -12.90
N VAL B 218 -13.03 -25.02 -12.92
CA VAL B 218 -11.80 -25.86 -12.71
C VAL B 218 -10.89 -25.35 -11.58
N SER B 219 -10.01 -26.20 -11.00
CA SER B 219 -9.24 -25.82 -9.78
C SER B 219 -7.85 -26.41 -9.74
N GLY B 220 -7.02 -26.02 -8.74
CA GLY B 220 -5.61 -26.45 -8.67
C GLY B 220 -4.99 -26.48 -7.28
N ALA B 221 -4.82 -27.65 -6.69
CA ALA B 221 -4.29 -27.86 -5.35
C ALA B 221 -2.76 -27.97 -5.39
N CYS B 222 -1.98 -28.34 -4.32
CA CYS B 222 -0.52 -28.42 -4.22
C CYS B 222 0.04 -29.50 -5.12
N ASP B 223 -0.50 -30.86 -5.36
CA ASP B 223 -0.07 -31.91 -6.27
C ASP B 223 -0.27 -31.47 -7.72
N ALA B 224 0.59 -32.21 -8.70
CA ALA B 224 0.57 -31.82 -10.11
C ALA B 224 -0.71 -32.36 -10.76
N SER B 225 -1.85 -31.76 -10.44
CA SER B 225 -3.14 -32.17 -10.98
C SER B 225 -4.07 -30.97 -10.99
N ALA B 226 -5.24 -30.94 -11.72
CA ALA B 226 -6.27 -29.92 -11.82
C ALA B 226 -7.60 -30.58 -12.13
N LYS B 227 -8.66 -30.05 -11.24
CA LYS B 227 -9.94 -30.73 -11.33
C LYS B 227 -11.03 -29.75 -11.77
N LEU B 228 -11.82 -30.07 -12.62
CA LEU B 228 -12.95 -29.28 -13.13
C LEU B 228 -14.23 -29.84 -12.53
N TRP B 229 -14.94 -28.80 -12.16
CA TRP B 229 -16.14 -29.17 -11.42
C TRP B 229 -17.38 -28.74 -12.17
N ASP B 230 -18.52 -29.35 -11.84
CA ASP B 230 -19.81 -28.94 -12.46
C ASP B 230 -20.79 -28.70 -11.35
N VAL B 231 -21.38 -27.51 -11.26
CA VAL B 231 -22.26 -27.22 -10.09
C VAL B 231 -23.60 -27.99 -10.09
N ARG B 232 -24.09 -28.56 -11.22
CA ARG B 232 -25.33 -29.31 -11.04
C ARG B 232 -25.21 -30.37 -9.96
N GLU B 233 -24.32 -31.37 -10.08
CA GLU B 233 -24.14 -32.45 -9.14
C GLU B 233 -22.96 -32.23 -8.19
N GLY B 234 -21.90 -31.64 -8.65
CA GLY B 234 -20.82 -31.49 -7.68
C GLY B 234 -19.91 -32.69 -7.76
N MET B 235 -19.42 -32.98 -8.95
CA MET B 235 -18.42 -34.06 -9.07
C MET B 235 -17.46 -33.65 -10.18
N CYS B 236 -16.21 -34.11 -10.14
CA CYS B 236 -15.16 -33.73 -11.08
C CYS B 236 -15.56 -34.11 -12.51
N ARG B 237 -15.65 -33.23 -13.38
CA ARG B 237 -15.89 -33.46 -14.80
C ARG B 237 -14.63 -33.87 -15.56
N GLN B 238 -13.59 -33.55 -14.98
CA GLN B 238 -12.34 -33.88 -15.65
C GLN B 238 -11.16 -33.58 -14.72
N THR B 239 -10.06 -34.23 -14.82
CA THR B 239 -8.81 -34.02 -14.10
C THR B 239 -7.68 -33.88 -15.10
N PHE B 240 -6.81 -32.81 -14.75
CA PHE B 240 -5.67 -32.51 -15.61
C PHE B 240 -4.38 -32.61 -14.82
N THR B 241 -3.31 -33.29 -15.50
CA THR B 241 -1.98 -33.40 -14.91
C THR B 241 -0.95 -32.97 -15.94
N GLY B 242 0.34 -32.98 -15.52
CA GLY B 242 1.42 -32.66 -16.44
C GLY B 242 2.55 -31.84 -15.84
N HIS B 243 2.32 -31.20 -14.75
CA HIS B 243 3.32 -30.36 -14.13
C HIS B 243 4.22 -31.19 -13.21
N GLU B 244 5.31 -30.45 -12.75
CA GLU B 244 6.23 -31.08 -11.79
C GLU B 244 6.39 -30.23 -10.54
N SER B 245 5.50 -29.15 -10.29
CA SER B 245 5.57 -28.29 -9.13
C SER B 245 4.15 -27.89 -8.75
N ASP B 246 4.01 -26.75 -7.98
CA ASP B 246 2.70 -26.30 -7.51
C ASP B 246 1.94 -25.63 -8.66
N ILE B 247 0.81 -25.28 -8.23
CA ILE B 247 -0.01 -24.52 -9.17
C ILE B 247 -0.36 -23.19 -8.52
N ASN B 248 0.19 -22.28 -9.15
CA ASN B 248 0.05 -20.96 -8.55
C ASN B 248 -1.23 -20.26 -9.00
N ALA B 249 -1.37 -20.16 -10.34
CA ALA B 249 -2.50 -19.41 -10.88
C ALA B 249 -3.01 -20.08 -12.14
N ILE B 250 -4.29 -20.34 -12.32
CA ILE B 250 -4.96 -20.91 -13.48
C ILE B 250 -6.04 -19.94 -13.94
N CYS B 251 -6.19 -20.01 -15.33
CA CYS B 251 -7.28 -19.22 -15.89
C CYS B 251 -7.84 -19.92 -17.11
N PHE B 252 -8.87 -19.33 -17.59
CA PHE B 252 -9.55 -19.90 -18.75
C PHE B 252 -9.17 -19.15 -20.03
N PHE B 253 -9.77 -19.45 -21.10
CA PHE B 253 -9.78 -18.99 -22.48
C PHE B 253 -11.11 -18.33 -22.79
N PRO B 254 -11.17 -17.27 -23.48
CA PRO B 254 -12.44 -16.56 -23.71
C PRO B 254 -13.52 -17.41 -24.36
N ASN B 255 -13.19 -18.40 -25.15
CA ASN B 255 -14.18 -19.30 -25.75
C ASN B 255 -14.80 -20.21 -24.69
N GLY B 256 -14.10 -20.59 -23.72
CA GLY B 256 -14.58 -21.49 -22.69
C GLY B 256 -14.24 -22.95 -22.90
N ASN B 257 -13.50 -23.15 -23.94
CA ASN B 257 -13.10 -24.53 -24.23
C ASN B 257 -11.62 -24.77 -23.95
N ALA B 258 -11.08 -23.74 -23.26
CA ALA B 258 -9.66 -23.87 -22.95
C ALA B 258 -9.36 -23.12 -21.66
N PHE B 259 -8.28 -23.31 -21.13
CA PHE B 259 -7.83 -22.62 -19.93
C PHE B 259 -6.32 -22.68 -19.83
N ALA B 260 -5.67 -21.56 -19.32
CA ALA B 260 -4.23 -21.43 -19.12
C ALA B 260 -3.91 -21.62 -17.65
N THR B 261 -2.87 -22.38 -17.33
CA THR B 261 -2.44 -22.71 -15.99
C THR B 261 -0.94 -22.49 -15.84
N GLY B 262 -0.69 -22.35 -14.38
CA GLY B 262 0.70 -22.10 -14.09
C GLY B 262 1.19 -22.92 -12.92
N SER B 263 2.45 -23.15 -12.61
CA SER B 263 3.10 -23.93 -11.57
C SER B 263 4.37 -23.22 -11.12
N ASP B 264 5.01 -23.82 -10.11
CA ASP B 264 6.24 -23.26 -9.56
C ASP B 264 7.49 -23.82 -10.27
N ASP B 265 7.39 -24.21 -11.60
CA ASP B 265 8.56 -24.69 -12.38
C ASP B 265 8.90 -23.88 -13.63
N ALA B 266 8.55 -22.58 -13.71
CA ALA B 266 8.75 -21.69 -14.87
C ALA B 266 7.95 -22.15 -16.11
N THR B 267 7.29 -23.34 -16.14
CA THR B 267 6.64 -23.77 -17.38
C THR B 267 5.15 -23.51 -17.27
N CYS B 268 4.58 -22.59 -18.06
CA CYS B 268 3.11 -22.47 -18.10
C CYS B 268 2.62 -23.51 -19.10
N ARG B 269 1.45 -24.08 -18.91
CA ARG B 269 0.83 -25.14 -19.69
C ARG B 269 -0.58 -24.75 -20.08
N LEU B 270 -0.93 -24.99 -21.31
CA LEU B 270 -2.27 -24.73 -21.82
C LEU B 270 -2.96 -26.04 -22.11
N PHE B 271 -4.19 -26.41 -21.62
CA PHE B 271 -4.97 -27.62 -21.83
C PHE B 271 -6.32 -27.27 -22.43
N ASP B 272 -6.93 -28.43 -23.21
CA ASP B 272 -8.26 -28.26 -23.79
C ASP B 272 -9.20 -29.32 -23.22
N LEU B 273 -10.54 -28.97 -23.20
CA LEU B 273 -11.48 -29.84 -22.49
C LEU B 273 -11.83 -31.08 -23.32
N ARG B 274 -12.19 -30.86 -24.59
CA ARG B 274 -12.69 -31.98 -25.45
C ARG B 274 -11.72 -33.15 -25.54
N ALA B 275 -10.57 -32.95 -26.16
CA ALA B 275 -9.50 -33.93 -25.93
C ALA B 275 -9.02 -33.47 -24.55
N ASP B 276 -8.32 -34.28 -23.77
CA ASP B 276 -7.99 -33.81 -22.40
C ASP B 276 -6.47 -33.65 -22.21
N GLN B 277 -5.73 -33.17 -23.20
CA GLN B 277 -4.27 -33.17 -23.04
C GLN B 277 -3.65 -31.86 -23.50
N GLU B 278 -2.46 -31.55 -23.01
CA GLU B 278 -1.84 -30.22 -23.28
C GLU B 278 -1.87 -29.82 -24.75
N LEU B 279 -1.77 -28.52 -25.02
CA LEU B 279 -1.65 -27.98 -26.37
C LEU B 279 -0.25 -27.44 -26.64
N MET B 280 0.26 -26.51 -25.94
CA MET B 280 1.60 -25.91 -26.15
C MET B 280 2.29 -25.71 -24.81
N THR B 281 3.60 -25.59 -24.91
CA THR B 281 4.37 -25.34 -23.68
C THR B 281 5.15 -24.06 -23.87
N TYR B 282 5.48 -23.30 -22.91
CA TYR B 282 6.15 -22.00 -23.04
C TYR B 282 7.37 -22.04 -22.10
N SER B 283 8.53 -21.60 -22.68
CA SER B 283 9.72 -21.78 -21.81
C SER B 283 10.97 -21.15 -22.41
N HIS B 284 11.84 -20.65 -21.70
CA HIS B 284 13.11 -20.16 -22.23
C HIS B 284 14.21 -20.45 -21.23
N ASP B 285 15.46 -20.64 -21.54
CA ASP B 285 16.59 -20.98 -20.68
C ASP B 285 16.94 -19.86 -19.71
N ASN B 286 16.70 -18.69 -20.23
CA ASN B 286 17.06 -17.55 -19.40
C ASN B 286 16.12 -17.37 -18.21
N ILE B 287 15.03 -18.12 -18.19
CA ILE B 287 13.98 -17.97 -17.12
C ILE B 287 13.90 -19.24 -16.28
N ILE B 288 14.49 -19.22 -15.08
CA ILE B 288 14.54 -20.45 -14.26
C ILE B 288 13.74 -20.22 -12.99
N CYS B 289 13.21 -19.02 -12.79
CA CYS B 289 12.34 -18.83 -11.63
C CYS B 289 10.93 -19.33 -11.95
N GLY B 290 9.82 -19.17 -10.97
CA GLY B 290 8.45 -19.61 -11.17
C GLY B 290 7.53 -18.50 -11.62
N ILE B 291 6.24 -18.92 -11.94
CA ILE B 291 5.26 -17.92 -12.35
C ILE B 291 4.18 -17.86 -11.28
N THR B 292 3.55 -16.78 -11.34
CA THR B 292 2.54 -16.61 -10.26
C THR B 292 1.16 -16.04 -10.62
N SER B 293 0.82 -15.89 -12.00
CA SER B 293 -0.54 -15.47 -12.44
C SER B 293 -0.63 -15.60 -13.95
N VAL B 294 -1.76 -16.02 -14.44
CA VAL B 294 -1.86 -16.02 -15.92
C VAL B 294 -3.22 -15.49 -16.32
N SER B 295 -3.20 -14.57 -17.39
CA SER B 295 -4.46 -13.97 -17.88
C SER B 295 -4.52 -14.16 -19.38
N PHE B 296 -5.45 -13.58 -19.89
CA PHE B 296 -5.64 -13.76 -21.31
C PHE B 296 -6.44 -12.59 -21.88
N SER B 297 -5.99 -12.08 -23.03
CA SER B 297 -6.57 -10.86 -23.67
C SER B 297 -7.61 -11.21 -24.71
N LYS B 298 -8.75 -10.53 -24.68
CA LYS B 298 -9.90 -10.93 -25.53
C LYS B 298 -9.50 -11.38 -26.94
N SER B 299 -8.47 -10.82 -27.55
CA SER B 299 -8.29 -11.26 -28.93
C SER B 299 -7.93 -12.73 -29.03
N GLY B 300 -7.42 -13.43 -28.05
CA GLY B 300 -6.97 -14.81 -28.08
C GLY B 300 -5.56 -15.00 -28.60
N ARG B 301 -4.81 -14.05 -28.67
CA ARG B 301 -3.45 -14.12 -29.22
C ARG B 301 -2.40 -13.90 -28.15
N LEU B 302 -2.57 -12.80 -27.43
CA LEU B 302 -1.54 -12.47 -26.46
C LEU B 302 -1.83 -13.17 -25.12
N LEU B 303 -0.79 -13.43 -24.25
CA LEU B 303 -0.87 -14.02 -22.92
C LEU B 303 0.19 -13.36 -22.04
N LEU B 304 -0.32 -12.75 -20.81
CA LEU B 304 0.57 -12.05 -19.91
C LEU B 304 0.89 -12.94 -18.71
N ALA B 305 2.15 -13.28 -18.26
CA ALA B 305 2.60 -14.13 -17.17
C ALA B 305 3.54 -13.34 -16.26
N GLY B 306 3.15 -13.25 -14.93
CA GLY B 306 3.94 -12.49 -13.96
C GLY B 306 4.93 -13.42 -13.33
N TYR B 307 6.22 -13.11 -13.36
CA TYR B 307 7.17 -14.13 -12.90
C TYR B 307 7.79 -13.68 -11.59
N ASP B 308 8.66 -14.50 -11.05
CA ASP B 308 9.37 -13.99 -9.90
C ASP B 308 10.61 -13.18 -10.28
N ASP B 309 10.91 -12.88 -11.65
CA ASP B 309 12.05 -12.11 -12.12
C ASP B 309 11.74 -10.62 -12.20
N PHE B 310 10.77 -10.13 -11.42
CA PHE B 310 10.40 -8.72 -11.35
C PHE B 310 9.94 -8.19 -12.71
N ASN B 311 9.36 -9.07 -13.54
CA ASN B 311 8.92 -8.67 -14.86
C ASN B 311 7.71 -9.49 -15.28
N CYS B 312 7.03 -9.13 -16.25
CA CYS B 312 5.85 -9.87 -16.74
C CYS B 312 5.96 -10.04 -18.26
N ASN B 313 6.63 -11.14 -18.64
CA ASN B 313 6.87 -11.36 -20.10
C ASN B 313 5.60 -11.77 -20.84
N VAL B 314 5.28 -11.16 -21.98
CA VAL B 314 4.00 -11.51 -22.68
C VAL B 314 4.32 -12.54 -23.74
N TRP B 315 3.42 -13.47 -23.98
CA TRP B 315 3.78 -14.60 -24.85
C TRP B 315 2.70 -14.93 -25.86
N ASP B 316 2.75 -14.49 -27.15
CA ASP B 316 1.65 -14.67 -28.09
C ASP B 316 1.14 -16.11 -28.04
N ALA B 317 -0.15 -16.44 -27.90
CA ALA B 317 -0.50 -17.87 -27.65
C ALA B 317 -0.54 -18.72 -28.90
N LEU B 318 -0.16 -18.22 -29.99
CA LEU B 318 -0.26 -19.10 -31.16
C LEU B 318 1.17 -19.52 -31.47
N LYS B 319 2.06 -18.57 -31.34
CA LYS B 319 3.47 -18.89 -31.43
C LYS B 319 4.03 -19.09 -30.02
N ALA B 320 5.31 -19.26 -29.95
CA ALA B 320 5.99 -19.47 -28.68
C ALA B 320 7.14 -18.48 -28.52
N ASP B 321 6.83 -17.24 -28.91
CA ASP B 321 7.83 -16.18 -28.85
C ASP B 321 7.34 -15.05 -27.95
N ARG B 322 8.24 -14.32 -27.41
CA ARG B 322 7.92 -13.20 -26.54
C ARG B 322 7.54 -11.96 -27.36
N ALA B 323 6.63 -11.17 -26.93
CA ALA B 323 6.35 -10.03 -27.79
C ALA B 323 6.40 -8.77 -26.95
N GLY B 324 7.21 -8.82 -25.92
CA GLY B 324 7.31 -7.64 -25.04
C GLY B 324 7.71 -8.05 -23.65
N VAL B 325 8.21 -7.15 -22.81
CA VAL B 325 8.69 -7.45 -21.45
C VAL B 325 8.19 -6.31 -20.63
N LEU B 326 7.00 -6.52 -20.00
CA LEU B 326 6.51 -5.30 -19.37
C LEU B 326 7.10 -5.24 -17.96
N ALA B 327 8.51 -5.16 -17.86
CA ALA B 327 9.27 -5.19 -16.61
C ALA B 327 9.31 -3.78 -16.03
N GLY B 328 8.66 -3.56 -15.03
CA GLY B 328 8.68 -2.28 -14.34
C GLY B 328 8.55 -2.41 -12.84
N HIS B 329 8.56 -3.56 -12.37
CA HIS B 329 8.35 -3.82 -10.96
C HIS B 329 9.69 -3.96 -10.23
N ASP B 330 9.57 -3.87 -9.00
CA ASP B 330 10.76 -3.98 -8.15
C ASP B 330 10.65 -5.14 -7.16
N ASN B 331 9.70 -6.09 -7.41
CA ASN B 331 9.53 -7.25 -6.55
C ASN B 331 8.74 -8.29 -7.33
N ARG B 332 8.48 -9.33 -6.58
CA ARG B 332 7.74 -10.41 -7.22
C ARG B 332 6.27 -10.02 -7.37
N VAL B 333 5.80 -10.32 -8.61
CA VAL B 333 4.41 -10.00 -9.05
C VAL B 333 3.41 -11.06 -8.59
N SER B 334 2.53 -10.71 -7.69
CA SER B 334 1.53 -11.64 -7.14
C SER B 334 0.17 -11.47 -7.79
N CYS B 335 -0.10 -10.37 -8.51
CA CYS B 335 -1.41 -10.35 -9.14
C CYS B 335 -1.30 -9.77 -10.55
N LEU B 336 -2.15 -10.17 -11.57
CA LEU B 336 -2.10 -9.78 -12.98
C LEU B 336 -3.51 -9.92 -13.54
N GLY B 337 -4.17 -8.72 -14.02
CA GLY B 337 -5.53 -8.75 -14.51
C GLY B 337 -5.79 -7.94 -15.76
N VAL B 338 -6.46 -8.52 -16.66
CA VAL B 338 -6.86 -7.84 -17.90
C VAL B 338 -8.32 -7.43 -17.75
N THR B 339 -8.83 -6.27 -18.13
CA THR B 339 -10.17 -5.74 -18.00
C THR B 339 -11.15 -6.51 -18.90
N ASP B 340 -12.37 -6.49 -18.54
CA ASP B 340 -13.39 -7.24 -19.26
C ASP B 340 -13.44 -6.88 -20.74
N ASP B 341 -13.21 -5.72 -21.05
CA ASP B 341 -13.25 -5.26 -22.43
C ASP B 341 -11.90 -5.26 -23.11
N GLY B 342 -10.71 -5.82 -22.46
CA GLY B 342 -9.42 -5.97 -23.08
C GLY B 342 -8.69 -4.68 -23.40
N MET B 343 -9.07 -3.59 -22.78
CA MET B 343 -8.40 -2.33 -23.05
C MET B 343 -6.99 -2.28 -22.49
N ALA B 344 -6.90 -2.83 -21.23
CA ALA B 344 -5.59 -2.75 -20.58
C ALA B 344 -5.43 -3.93 -19.62
N VAL B 345 -4.42 -3.82 -18.96
CA VAL B 345 -4.13 -4.86 -17.99
C VAL B 345 -3.64 -4.19 -16.70
N ALA B 346 -3.81 -4.90 -15.48
CA ALA B 346 -3.35 -4.43 -14.18
C ALA B 346 -2.47 -5.48 -13.54
N THR B 347 -1.27 -5.10 -12.98
CA THR B 347 -0.34 -6.01 -12.33
C THR B 347 0.00 -5.50 -10.94
N GLY B 348 0.36 -6.52 -10.07
CA GLY B 348 0.67 -6.17 -8.70
C GLY B 348 1.65 -7.12 -8.03
N SER B 349 2.79 -6.65 -7.45
CA SER B 349 3.89 -7.37 -6.83
C SER B 349 3.90 -7.07 -5.33
N TRP B 350 4.87 -7.44 -4.65
CA TRP B 350 5.06 -7.21 -3.23
C TRP B 350 5.69 -5.86 -2.94
N ASP B 351 5.80 -4.92 -3.96
CA ASP B 351 6.36 -3.59 -3.79
C ASP B 351 5.30 -2.56 -3.41
N SER B 352 3.96 -2.98 -3.32
CA SER B 352 2.82 -2.19 -2.83
C SER B 352 2.32 -1.16 -3.83
N PHE B 353 2.73 -1.25 -5.07
CA PHE B 353 2.19 -0.37 -6.10
C PHE B 353 1.57 -1.21 -7.21
N LEU B 354 0.40 -0.89 -7.50
CA LEU B 354 -0.24 -1.48 -8.66
C LEU B 354 0.04 -0.63 -9.89
N LYS B 355 0.42 -1.30 -11.00
CA LYS B 355 0.76 -0.63 -12.23
C LYS B 355 -0.27 -0.95 -13.31
N ILE B 356 -0.65 0.08 -13.97
CA ILE B 356 -1.61 -0.04 -15.06
C ILE B 356 -0.84 0.10 -16.37
N TRP B 357 -0.91 -0.90 -17.24
CA TRP B 357 -0.14 -0.99 -18.47
C TRP B 357 -1.12 -1.00 -19.64
N ASN B 358 -0.93 -0.02 -20.48
CA ASN B 358 -1.81 0.12 -21.64
C ASN B 358 -1.00 0.54 -22.86
N LEU C 5 -12.93 18.08 -11.44
CA LEU C 5 -12.88 18.94 -12.62
C LEU C 5 -14.27 19.13 -13.21
N SER C 6 -15.37 18.67 -12.65
CA SER C 6 -16.74 18.81 -13.12
C SER C 6 -17.72 19.22 -12.03
N ALA C 7 -17.29 19.71 -10.99
CA ALA C 7 -18.06 20.12 -9.81
C ALA C 7 -18.58 18.89 -9.07
N GLU C 8 -18.41 17.75 -9.71
CA GLU C 8 -18.72 16.52 -9.01
C GLU C 8 -17.53 15.59 -8.86
N ASP C 9 -16.63 15.74 -9.88
CA ASP C 9 -15.40 14.98 -9.73
C ASP C 9 -14.43 15.62 -8.74
N LYS C 10 -14.76 16.93 -8.47
CA LYS C 10 -13.94 17.58 -7.46
C LYS C 10 -14.22 17.05 -6.07
N ALA C 11 -15.44 16.74 -5.80
CA ALA C 11 -15.75 16.12 -4.52
C ALA C 11 -15.19 14.71 -4.41
N ALA C 12 -15.21 14.00 -5.58
CA ALA C 12 -14.58 12.68 -5.59
C ALA C 12 -13.09 12.76 -5.29
N ALA C 13 -12.54 13.89 -5.64
CA ALA C 13 -11.15 14.10 -5.26
C ALA C 13 -11.00 14.41 -3.78
N GLU C 14 -11.95 15.20 -3.21
CA GLU C 14 -11.89 15.47 -1.78
C GLU C 14 -12.14 14.21 -0.97
N ARG C 15 -13.15 13.39 -1.34
CA ARG C 15 -13.40 12.12 -0.65
C ARG C 15 -12.19 11.21 -0.72
N SER C 16 -11.57 11.10 -1.82
CA SER C 16 -10.38 10.27 -1.96
C SER C 16 -9.24 10.77 -1.08
N LYS C 17 -9.09 12.04 -0.97
CA LYS C 17 -8.05 12.61 -0.11
C LYS C 17 -8.31 12.28 1.36
N MET C 18 -9.54 12.36 1.80
CA MET C 18 -9.87 12.02 3.18
C MET C 18 -9.62 10.54 3.46
N ILE C 19 -9.95 9.60 2.58
CA ILE C 19 -9.69 8.17 2.75
C ILE C 19 -8.19 7.90 2.83
N ASP C 20 -7.40 8.56 1.99
CA ASP C 20 -5.96 8.37 2.02
C ASP C 20 -5.36 8.84 3.33
N LYS C 21 -5.82 9.97 3.85
CA LYS C 21 -5.32 10.49 5.12
C LYS C 21 -5.63 9.52 6.26
N ASN C 22 -6.82 9.01 6.34
CA ASN C 22 -7.20 8.08 7.40
C ASN C 22 -6.39 6.79 7.31
N LEU C 23 -6.13 6.26 6.12
CA LEU C 23 -5.35 5.04 5.94
C LEU C 23 -3.90 5.26 6.37
N ARG C 24 -3.26 6.37 6.07
CA ARG C 24 -1.89 6.66 6.46
C ARG C 24 -1.76 6.75 7.98
N GLU C 25 -2.67 7.38 8.69
CA GLU C 25 -2.62 7.49 10.14
C GLU C 25 -2.73 6.10 10.79
N ASP C 26 -3.65 5.23 10.40
CA ASP C 26 -3.82 3.90 10.96
C ASP C 26 -2.61 3.01 10.70
N GLY C 27 -1.94 3.16 9.63
CA GLY C 27 -0.75 2.37 9.35
C GLY C 27 0.45 2.83 10.16
N GLU C 28 0.46 4.18 10.52
CA GLU C 28 1.52 4.69 11.37
C GLU C 28 1.31 4.26 12.82
N LYS C 29 -0.01 4.15 13.28
CA LYS C 29 -0.28 3.68 14.64
C LYS C 29 0.21 2.25 14.84
N ALA C 30 0.27 1.53 13.72
CA ALA C 30 0.66 0.13 13.81
C ALA C 30 2.14 -0.09 13.51
N ALA C 31 3.08 0.94 13.24
CA ALA C 31 4.50 0.60 12.97
C ALA C 31 5.24 0.42 14.30
N ARG C 32 4.78 1.12 15.21
CA ARG C 32 5.45 1.06 16.50
C ARG C 32 4.94 -0.12 17.32
N GLU C 33 4.69 -1.28 16.60
CA GLU C 33 4.09 -2.47 17.19
C GLU C 33 5.04 -3.63 17.05
N VAL C 34 5.37 -4.32 18.14
CA VAL C 34 6.40 -5.38 18.02
C VAL C 34 5.63 -6.66 17.79
N LYS C 35 5.96 -7.44 16.77
CA LYS C 35 5.13 -8.61 16.47
C LYS C 35 5.92 -9.89 16.67
N LEU C 36 5.42 -10.80 17.49
CA LEU C 36 6.19 -11.99 17.76
C LEU C 36 5.41 -13.22 17.27
N LEU C 37 6.08 -14.18 16.92
CA LEU C 37 5.48 -15.47 16.58
C LEU C 37 5.69 -16.45 17.73
N LEU C 38 4.73 -17.34 17.90
CA LEU C 38 4.81 -18.28 19.02
C LEU C 38 4.73 -19.71 18.51
N LEU C 39 5.52 -20.01 17.42
CA LEU C 39 5.52 -21.35 16.82
C LEU C 39 6.15 -22.34 17.79
N GLY C 40 5.26 -23.18 18.44
CA GLY C 40 5.70 -24.21 19.36
C GLY C 40 5.75 -25.57 18.70
N ALA C 41 5.54 -26.62 19.53
CA ALA C 41 5.56 -27.98 19.01
C ALA C 41 4.68 -28.83 19.93
N GLY C 42 3.28 -28.99 19.63
CA GLY C 42 2.37 -29.82 20.37
C GLY C 42 2.11 -29.29 21.77
N GLU C 43 1.77 -30.18 22.74
CA GLU C 43 1.55 -29.83 24.15
C GLU C 43 2.89 -29.77 24.87
N SER C 44 3.64 -28.70 24.59
CA SER C 44 4.96 -28.46 25.15
C SER C 44 4.97 -27.20 26.02
N GLY C 45 3.94 -27.00 26.80
CA GLY C 45 3.88 -25.86 27.69
C GLY C 45 3.66 -24.52 27.02
N LYS C 46 3.20 -24.38 25.80
CA LYS C 46 2.93 -23.12 25.11
C LYS C 46 1.85 -22.32 25.83
N ASN C 47 0.89 -22.97 26.24
CA ASN C 47 -0.23 -22.21 26.84
C ASN C 47 0.27 -21.53 28.11
N THR C 48 1.49 -21.90 28.61
CA THR C 48 1.93 -21.34 29.93
C THR C 48 2.74 -20.05 29.75
N ILE C 49 3.75 -20.07 28.91
CA ILE C 49 4.42 -18.76 28.69
C ILE C 49 3.24 -17.89 28.34
N VAL C 50 2.38 -18.39 27.45
CA VAL C 50 1.17 -17.58 27.18
C VAL C 50 0.38 -17.50 28.47
N LYS C 51 0.40 -18.69 29.12
CA LYS C 51 -0.43 -18.73 30.34
C LYS C 51 -0.25 -17.47 31.18
N GLN C 52 1.05 -16.98 31.21
CA GLN C 52 1.23 -15.83 32.14
C GLN C 52 2.05 -14.73 31.50
N MET C 53 2.02 -14.61 30.15
CA MET C 53 2.89 -13.60 29.51
C MET C 53 2.12 -12.30 29.55
N LYS C 54 0.96 -12.42 29.97
CA LYS C 54 0.09 -11.21 29.95
C LYS C 54 0.19 -10.46 31.27
N ILE C 55 0.10 -11.24 32.32
CA ILE C 55 0.15 -10.62 33.68
C ILE C 55 1.38 -9.71 33.75
N GLY C 184 -8.49 -20.14 14.06
CA GLY C 184 -7.19 -20.50 13.51
C GLY C 184 -6.03 -19.79 14.18
N ILE C 185 -5.69 -18.64 13.68
CA ILE C 185 -4.60 -17.87 14.26
C ILE C 185 -5.05 -17.30 15.61
N VAL C 186 -4.16 -17.44 16.61
CA VAL C 186 -4.41 -16.95 17.95
C VAL C 186 -3.64 -15.65 18.13
N GLU C 187 -4.31 -14.68 18.67
CA GLU C 187 -3.77 -13.34 18.80
C GLU C 187 -3.63 -13.00 20.28
N THR C 188 -2.45 -12.56 20.68
CA THR C 188 -2.26 -12.11 22.06
C THR C 188 -1.68 -10.71 22.06
N HIS C 189 -2.21 -9.89 22.94
CA HIS C 189 -1.75 -8.51 23.08
C HIS C 189 -1.44 -8.21 24.54
N PHE C 190 -0.33 -7.65 24.82
CA PHE C 190 -0.04 -7.11 26.14
C PHE C 190 0.94 -5.95 26.01
N THR C 191 1.16 -5.36 27.12
CA THR C 191 2.07 -4.23 27.17
C THR C 191 2.97 -4.34 28.39
N PHE C 192 4.06 -3.78 28.34
CA PHE C 192 5.02 -3.76 29.44
C PHE C 192 6.10 -2.71 29.21
N LYS C 193 6.32 -1.83 30.10
CA LYS C 193 7.32 -0.76 30.03
C LYS C 193 7.12 0.08 28.77
N ASP C 194 5.86 0.49 28.62
CA ASP C 194 5.49 1.40 27.52
C ASP C 194 5.86 0.81 26.16
N LEU C 195 5.43 -0.41 25.98
CA LEU C 195 5.64 -1.07 24.70
C LEU C 195 4.57 -2.13 24.52
N HIS C 196 3.99 -2.18 23.45
CA HIS C 196 2.86 -3.05 23.15
C HIS C 196 3.35 -4.31 22.45
N PHE C 197 2.90 -5.50 23.06
CA PHE C 197 3.27 -6.81 22.51
C PHE C 197 2.00 -7.52 22.04
N LYS C 198 1.97 -7.83 20.73
CA LYS C 198 0.93 -8.71 20.23
C LYS C 198 1.56 -10.00 19.73
N MET C 199 1.12 -11.16 20.14
CA MET C 199 1.62 -12.49 19.81
C MET C 199 0.64 -13.21 18.91
N PHE C 200 1.17 -13.77 17.82
CA PHE C 200 0.44 -14.58 16.87
C PHE C 200 0.70 -16.04 17.19
N ASP C 201 -0.29 -16.67 17.57
CA ASP C 201 -0.17 -18.08 17.92
C ASP C 201 -0.93 -18.92 16.89
N VAL C 202 -0.22 -19.88 16.27
CA VAL C 202 -0.81 -20.75 15.26
C VAL C 202 -0.44 -22.20 15.58
N GLY C 203 -1.49 -22.96 15.94
CA GLY C 203 -1.30 -24.38 16.13
C GLY C 203 -2.35 -25.22 15.42
N ALA C 204 -3.39 -24.49 15.06
CA ALA C 204 -4.51 -25.23 14.50
C ALA C 204 -4.28 -25.61 13.05
N GLN C 205 -3.60 -24.72 12.30
CA GLN C 205 -3.45 -24.91 10.86
C GLN C 205 -2.57 -26.13 10.59
N ARG C 206 -3.20 -27.27 10.28
CA ARG C 206 -2.48 -28.49 9.91
C ARG C 206 -2.40 -28.61 8.38
N SER C 207 -1.74 -27.66 7.83
CA SER C 207 -1.63 -27.56 6.39
C SER C 207 -0.17 -27.37 6.00
N GLU C 208 0.12 -27.23 4.76
CA GLU C 208 1.47 -27.04 4.24
C GLU C 208 2.01 -25.71 4.75
N ARG C 209 2.98 -25.83 5.68
CA ARG C 209 3.55 -24.62 6.26
C ARG C 209 4.33 -23.79 5.24
N LYS C 210 4.65 -24.45 4.13
CA LYS C 210 5.49 -23.77 3.16
C LYS C 210 4.73 -22.79 2.27
N LYS C 211 3.45 -22.82 2.47
CA LYS C 211 2.67 -21.90 1.65
C LYS C 211 2.00 -20.77 2.44
N TRP C 212 2.20 -20.84 3.67
CA TRP C 212 1.73 -19.71 4.47
C TRP C 212 2.80 -19.17 5.40
N ILE C 213 4.01 -19.79 5.20
CA ILE C 213 5.08 -19.26 6.03
C ILE C 213 5.66 -17.97 5.46
N HIS C 214 5.20 -17.86 4.11
CA HIS C 214 5.70 -16.64 3.50
C HIS C 214 4.80 -15.44 3.75
N CYS C 215 3.86 -15.54 4.75
CA CYS C 215 3.06 -14.40 5.17
C CYS C 215 3.48 -13.86 6.53
N PHE C 216 4.58 -14.39 7.10
CA PHE C 216 4.99 -14.03 8.45
C PHE C 216 6.35 -13.35 8.54
N GLU C 217 7.16 -13.15 7.35
CA GLU C 217 8.44 -12.46 7.40
C GLU C 217 8.23 -11.00 7.78
N GLY C 218 9.42 -10.36 8.39
CA GLY C 218 9.30 -9.07 9.02
C GLY C 218 8.96 -9.13 10.49
N VAL C 219 8.80 -10.22 11.01
CA VAL C 219 8.60 -10.40 12.44
C VAL C 219 9.93 -10.24 13.17
N THR C 220 9.88 -9.71 14.45
CA THR C 220 11.10 -9.42 15.21
C THR C 220 11.71 -10.66 15.85
N ALA C 221 10.88 -11.52 16.40
CA ALA C 221 11.54 -12.64 17.05
C ALA C 221 10.58 -13.81 17.15
N ILE C 222 11.01 -15.07 16.97
CA ILE C 222 10.11 -16.25 16.90
C ILE C 222 10.14 -17.08 18.19
N ILE C 223 9.35 -16.71 19.24
CA ILE C 223 9.53 -17.47 20.48
C ILE C 223 9.31 -18.95 20.20
N PHE C 224 10.25 -19.64 20.56
CA PHE C 224 10.18 -21.07 20.37
C PHE C 224 10.35 -21.75 21.72
N CYS C 225 9.43 -22.64 22.07
CA CYS C 225 9.37 -23.24 23.40
C CYS C 225 9.66 -24.73 23.33
N VAL C 226 10.64 -25.20 24.38
CA VAL C 226 11.01 -26.60 24.47
C VAL C 226 10.76 -27.08 25.89
N ALA C 227 10.08 -28.02 26.22
CA ALA C 227 9.85 -28.64 27.52
C ALA C 227 11.04 -29.54 27.85
N LEU C 228 11.69 -29.04 29.02
CA LEU C 228 12.85 -29.83 29.41
C LEU C 228 12.45 -31.24 29.82
N SER C 229 11.17 -31.14 30.49
CA SER C 229 10.72 -32.45 30.95
C SER C 229 10.00 -33.19 29.84
N ALA C 230 10.67 -33.44 28.62
CA ALA C 230 10.06 -34.13 27.48
C ALA C 230 11.00 -35.15 26.85
N TYR C 231 11.98 -35.58 27.50
CA TYR C 231 12.88 -36.59 26.95
C TYR C 231 12.55 -37.99 27.42
N ASP C 232 11.54 -38.07 28.42
CA ASP C 232 11.27 -39.37 29.02
C ASP C 232 10.14 -40.10 28.30
N LEU C 233 8.97 -39.32 28.12
CA LEU C 233 7.79 -39.97 27.57
C LEU C 233 7.96 -40.24 26.08
N VAL C 234 6.87 -40.64 25.48
CA VAL C 234 6.85 -40.96 24.06
C VAL C 234 5.66 -40.23 23.43
N LEU C 235 5.97 -39.54 22.45
CA LEU C 235 4.91 -38.83 21.75
C LEU C 235 3.88 -39.80 21.19
N ALA C 236 2.59 -39.33 21.16
CA ALA C 236 1.51 -40.18 20.68
C ALA C 236 1.54 -40.38 19.17
N GLU C 237 2.30 -39.61 18.50
CA GLU C 237 2.35 -39.75 17.05
C GLU C 237 3.07 -41.04 16.65
N ASP C 238 4.17 -41.45 17.32
CA ASP C 238 4.92 -42.67 17.00
C ASP C 238 5.74 -43.06 18.22
N GLU C 239 5.93 -44.48 18.36
CA GLU C 239 6.70 -44.99 19.49
C GLU C 239 8.21 -44.86 19.28
N GLU C 240 8.63 -44.58 18.11
CA GLU C 240 10.08 -44.49 17.79
C GLU C 240 10.58 -43.07 18.04
N MET C 241 9.83 -42.18 17.63
CA MET C 241 10.29 -40.76 17.76
C MET C 241 10.31 -40.35 19.23
N ASN C 242 11.21 -39.55 19.66
CA ASN C 242 11.27 -39.04 21.04
C ASN C 242 10.69 -37.64 21.06
N ARG C 243 9.91 -37.40 22.10
CA ARG C 243 9.29 -36.05 22.02
C ARG C 243 10.39 -35.07 21.63
N MET C 244 11.40 -35.08 22.35
CA MET C 244 12.43 -34.05 22.08
C MET C 244 13.12 -34.29 20.75
N HIS C 245 13.39 -35.60 20.44
CA HIS C 245 14.19 -35.83 19.22
C HIS C 245 13.40 -35.31 18.02
N ALA C 246 12.24 -34.89 18.16
CA ALA C 246 11.49 -34.23 17.08
C ALA C 246 11.54 -32.75 17.40
N SER C 247 11.23 -32.47 18.69
CA SER C 247 11.42 -31.11 19.16
C SER C 247 12.57 -30.43 18.43
N MET C 248 13.78 -31.13 18.38
CA MET C 248 14.83 -30.42 17.65
C MET C 248 14.71 -30.60 16.15
N LYS C 249 13.87 -31.50 15.70
CA LYS C 249 13.57 -31.54 14.28
C LYS C 249 12.77 -30.31 13.85
N LEU C 250 11.69 -29.93 14.55
CA LEU C 250 10.92 -28.72 14.27
C LEU C 250 11.77 -27.48 14.47
N PHE C 251 12.67 -27.52 15.43
CA PHE C 251 13.57 -26.38 15.64
C PHE C 251 14.48 -26.18 14.44
N ASP C 252 15.07 -27.29 13.80
CA ASP C 252 15.93 -27.18 12.63
C ASP C 252 15.14 -26.73 11.40
N SER C 253 13.94 -27.10 11.14
CA SER C 253 13.12 -26.71 10.00
C SER C 253 12.79 -25.23 10.04
N ILE C 254 12.56 -24.74 11.12
CA ILE C 254 12.16 -23.33 11.22
C ILE C 254 13.35 -22.39 11.26
N CYS C 255 14.56 -22.79 11.71
CA CYS C 255 15.73 -21.93 11.85
C CYS C 255 16.46 -21.70 10.53
N ASN C 256 16.43 -22.60 9.46
CA ASN C 256 17.15 -22.50 8.19
C ASN C 256 16.22 -22.18 7.02
N ASN C 257 15.05 -21.70 7.24
CA ASN C 257 14.14 -21.33 6.17
C ASN C 257 14.67 -20.11 5.43
N LYS C 258 14.37 -20.04 4.19
CA LYS C 258 14.90 -18.96 3.35
C LYS C 258 14.22 -17.62 3.61
N TRP C 259 13.14 -17.62 4.18
CA TRP C 259 12.45 -16.39 4.55
C TRP C 259 12.81 -15.91 5.95
N PHE C 260 13.76 -16.63 6.65
CA PHE C 260 14.14 -16.28 8.02
C PHE C 260 15.65 -16.21 8.16
N THR C 261 16.41 -15.59 7.14
CA THR C 261 17.86 -15.55 7.17
C THR C 261 18.40 -14.61 8.24
N ASP C 262 17.69 -13.54 8.59
CA ASP C 262 18.11 -12.59 9.62
C ASP C 262 16.94 -12.36 10.57
N THR C 263 16.79 -13.21 11.61
CA THR C 263 15.73 -13.08 12.61
C THR C 263 16.16 -13.79 13.88
N SER C 264 16.06 -13.09 14.98
CA SER C 264 16.43 -13.66 16.26
C SER C 264 15.44 -14.76 16.67
N ILE C 265 15.90 -15.81 17.48
CA ILE C 265 15.10 -16.96 17.92
C ILE C 265 15.19 -16.99 19.45
N ILE C 266 14.10 -16.64 20.11
CA ILE C 266 14.02 -16.78 21.56
C ILE C 266 13.63 -18.20 21.91
N LEU C 267 14.37 -18.67 22.91
CA LEU C 267 14.15 -20.07 23.28
C LEU C 267 13.84 -20.15 24.76
N PHE C 268 12.77 -20.73 25.15
CA PHE C 268 12.32 -20.93 26.52
C PHE C 268 12.33 -22.42 26.86
N LEU C 269 12.58 -22.67 28.05
CA LEU C 269 12.56 -24.04 28.57
C LEU C 269 11.57 -24.12 29.73
N ASN C 270 10.62 -25.12 29.65
CA ASN C 270 9.52 -25.23 30.58
C ASN C 270 9.75 -26.35 31.59
N LYS C 271 8.96 -26.18 32.65
CA LYS C 271 8.84 -27.24 33.64
C LYS C 271 10.21 -27.69 34.16
N LYS C 272 10.91 -26.87 34.80
CA LYS C 272 12.19 -27.23 35.40
C LYS C 272 11.99 -28.07 36.66
N ASP C 273 10.94 -27.97 37.30
CA ASP C 273 10.69 -28.76 38.51
C ASP C 273 10.56 -30.25 38.19
N LEU C 274 9.86 -30.54 37.05
CA LEU C 274 9.74 -31.93 36.64
C LEU C 274 11.10 -32.51 36.26
N PHE C 275 11.90 -31.63 35.66
CA PHE C 275 13.25 -32.07 35.32
C PHE C 275 14.07 -32.33 36.58
N GLU C 276 13.88 -31.48 37.64
CA GLU C 276 14.62 -31.77 38.89
C GLU C 276 13.73 -32.40 39.95
N GLU C 277 13.15 -33.57 39.66
CA GLU C 277 12.31 -34.30 40.64
C GLU C 277 12.28 -35.75 40.17
N LYS C 278 12.84 -36.02 39.00
CA LYS C 278 12.85 -37.38 38.42
C LYS C 278 14.13 -37.59 37.63
N ILE C 279 14.95 -36.55 37.59
CA ILE C 279 16.26 -36.72 36.91
C ILE C 279 17.17 -37.65 37.70
N THR C 280 16.87 -37.95 38.99
CA THR C 280 17.71 -38.93 39.67
C THR C 280 17.33 -40.35 39.30
N HIS C 281 16.01 -40.58 39.35
CA HIS C 281 15.58 -41.94 39.09
C HIS C 281 15.82 -42.33 37.63
N SER C 282 15.44 -41.46 36.69
CA SER C 282 15.62 -41.74 35.24
C SER C 282 16.96 -41.20 34.70
N PRO C 283 17.81 -42.03 34.09
CA PRO C 283 19.06 -41.56 33.51
C PRO C 283 18.85 -40.73 32.24
N LEU C 284 19.48 -39.55 32.19
CA LEU C 284 19.37 -38.81 30.94
C LEU C 284 19.93 -39.60 29.76
N THR C 285 20.75 -40.65 29.98
CA THR C 285 21.38 -41.44 28.93
C THR C 285 20.35 -42.19 28.07
N ILE C 286 19.13 -42.36 28.40
CA ILE C 286 18.10 -43.03 27.61
C ILE C 286 18.02 -42.41 26.23
N CYS C 287 18.09 -41.18 26.03
CA CYS C 287 18.21 -40.44 24.78
C CYS C 287 19.61 -39.84 24.69
N PHE C 288 20.03 -39.53 23.30
CA PHE C 288 21.34 -38.93 23.03
C PHE C 288 22.45 -39.83 23.54
N PRO C 289 22.64 -40.88 22.95
CA PRO C 289 23.58 -41.87 23.49
C PRO C 289 25.00 -41.36 23.68
N GLU C 290 25.40 -40.13 22.91
CA GLU C 290 26.75 -39.59 23.01
C GLU C 290 27.00 -38.84 24.32
N TYR C 291 26.19 -38.94 25.24
CA TYR C 291 26.34 -38.26 26.52
C TYR C 291 27.27 -39.04 27.43
N THR C 292 28.34 -38.57 28.03
CA THR C 292 29.27 -39.15 29.01
C THR C 292 29.40 -38.13 30.14
N GLY C 293 28.58 -38.42 31.32
CA GLY C 293 28.61 -37.49 32.44
C GLY C 293 27.70 -37.95 33.56
N ALA C 294 27.67 -37.25 34.64
CA ALA C 294 26.88 -37.55 35.83
C ALA C 294 25.41 -37.23 35.58
N ASN C 295 24.55 -37.21 36.62
CA ASN C 295 23.13 -36.97 36.54
C ASN C 295 22.74 -35.78 37.40
N LYS C 296 23.50 -34.81 37.54
CA LYS C 296 23.24 -33.58 38.26
C LYS C 296 22.44 -32.61 37.38
N TYR C 297 21.61 -31.73 38.09
CA TYR C 297 20.79 -30.78 37.36
C TYR C 297 21.64 -29.83 36.53
N ASP C 298 22.84 -29.42 37.07
CA ASP C 298 23.66 -28.45 36.35
C ASP C 298 24.24 -29.03 35.08
N GLU C 299 24.84 -30.21 35.06
CA GLU C 299 25.47 -30.82 33.89
C GLU C 299 24.46 -31.15 32.81
N ALA C 300 23.29 -31.72 33.18
CA ALA C 300 22.26 -32.04 32.20
C ALA C 300 21.68 -30.80 31.55
N ALA C 301 21.50 -29.85 32.27
CA ALA C 301 20.98 -28.60 31.73
C ALA C 301 21.95 -27.98 30.75
N SER C 302 23.31 -28.03 31.01
CA SER C 302 24.31 -27.49 30.10
C SER C 302 24.37 -28.31 28.81
N TYR C 303 24.32 -29.53 28.91
CA TYR C 303 24.39 -30.39 27.72
C TYR C 303 23.20 -30.15 26.80
N ILE C 304 21.97 -30.05 27.36
CA ILE C 304 20.78 -29.90 26.53
C ILE C 304 20.75 -28.51 25.90
N GLN C 305 21.20 -27.50 26.54
CA GLN C 305 21.24 -26.14 26.00
C GLN C 305 22.22 -26.05 24.84
N SER C 306 23.51 -26.69 24.89
CA SER C 306 24.50 -26.64 23.82
C SER C 306 24.04 -27.43 22.60
N LYS C 307 23.52 -28.61 22.72
CA LYS C 307 23.12 -29.45 21.59
C LYS C 307 21.86 -28.92 20.91
N PHE C 308 21.02 -27.94 21.74
CA PHE C 308 19.96 -27.22 21.05
C PHE C 308 20.49 -26.01 20.30
N GLU C 309 21.44 -25.29 21.02
CA GLU C 309 21.96 -24.07 20.41
C GLU C 309 22.83 -24.35 19.19
N ASP C 310 23.52 -25.50 19.06
CA ASP C 310 24.49 -25.75 18.00
C ASP C 310 23.85 -26.23 16.70
N LEU C 311 22.43 -25.87 16.43
CA LEU C 311 21.78 -26.15 15.16
C LEU C 311 21.80 -24.98 14.20
N ASN C 312 22.21 -23.88 14.57
CA ASN C 312 22.28 -22.73 13.68
C ASN C 312 23.37 -22.95 12.64
N LYS C 313 23.11 -22.68 11.33
CA LYS C 313 24.06 -22.83 10.23
C LYS C 313 24.67 -21.51 9.79
N ARG C 314 24.31 -20.41 10.24
CA ARG C 314 24.90 -19.11 9.96
C ARG C 314 24.89 -18.31 11.25
N LYS C 315 26.09 -18.21 11.93
CA LYS C 315 26.24 -17.43 13.15
C LYS C 315 26.61 -15.98 12.87
N ASP C 316 26.73 -15.48 11.71
CA ASP C 316 27.19 -14.14 11.39
C ASP C 316 26.14 -13.08 11.72
N THR C 317 24.86 -13.35 11.49
CA THR C 317 23.82 -12.35 11.65
C THR C 317 22.58 -12.82 12.41
N LYS C 318 22.35 -14.22 12.65
CA LYS C 318 21.19 -14.76 13.35
C LYS C 318 21.62 -15.27 14.72
N GLU C 319 20.89 -14.87 15.63
CA GLU C 319 21.22 -15.21 17.01
C GLU C 319 20.12 -16.05 17.64
N ILE C 320 20.62 -16.95 18.69
CA ILE C 320 19.70 -17.82 19.41
C ILE C 320 19.80 -17.50 20.90
N TYR C 321 18.86 -17.39 21.68
CA TYR C 321 18.79 -17.11 23.10
C TYR C 321 18.23 -18.32 23.84
N THR C 322 18.69 -18.36 25.23
CA THR C 322 18.24 -19.48 26.04
C THR C 322 17.95 -18.99 27.46
N HIS C 323 16.93 -19.51 28.11
CA HIS C 323 16.53 -19.14 29.46
C HIS C 323 15.78 -20.31 30.07
N PHE C 324 15.80 -20.47 31.30
CA PHE C 324 15.13 -21.51 32.05
C PHE C 324 13.94 -20.94 32.79
N THR C 325 12.80 -21.64 32.71
CA THR C 325 11.54 -21.13 33.23
C THR C 325 10.87 -22.15 34.15
N CYS C 326 9.99 -21.68 34.99
CA CYS C 326 9.18 -22.49 35.92
C CYS C 326 7.89 -21.74 36.19
N SER C 327 7.11 -22.16 37.20
CA SER C 327 5.89 -21.46 37.60
C SER C 327 6.18 -20.06 38.16
N THR C 328 7.40 -19.74 38.48
CA THR C 328 7.74 -18.41 38.95
C THR C 328 7.44 -17.37 37.88
N ASP C 329 6.89 -16.22 38.34
CA ASP C 329 6.46 -15.15 37.44
C ASP C 329 7.44 -13.99 37.51
N THR C 330 7.24 -12.98 36.63
CA THR C 330 7.99 -11.73 36.57
C THR C 330 9.44 -11.98 36.15
N LYS C 331 9.78 -13.21 36.05
CA LYS C 331 11.12 -13.59 35.63
C LYS C 331 11.16 -14.12 34.20
N ASN C 332 9.95 -14.09 33.51
CA ASN C 332 9.88 -14.53 32.13
C ASN C 332 9.52 -13.43 31.16
N VAL C 333 8.64 -12.46 31.54
CA VAL C 333 8.30 -11.34 30.67
C VAL C 333 9.52 -10.44 30.45
N GLN C 334 10.36 -10.36 31.44
CA GLN C 334 11.48 -9.39 31.33
C GLN C 334 12.50 -9.95 30.37
N PHE C 335 12.65 -11.25 30.26
CA PHE C 335 13.52 -11.81 29.22
C PHE C 335 12.99 -11.49 27.84
N VAL C 336 11.72 -11.59 27.71
CA VAL C 336 11.11 -11.22 26.43
C VAL C 336 11.36 -9.76 26.14
N PHE C 337 11.31 -8.95 27.21
CA PHE C 337 11.56 -7.52 27.02
C PHE C 337 12.99 -7.27 26.58
N ASP C 338 14.07 -7.97 27.18
CA ASP C 338 15.46 -7.81 26.79
C ASP C 338 15.70 -8.27 25.36
N ALA C 339 15.29 -9.39 24.96
CA ALA C 339 15.47 -9.90 23.60
C ALA C 339 14.87 -8.93 22.59
N VAL C 340 13.78 -8.46 22.83
CA VAL C 340 13.13 -7.60 21.85
C VAL C 340 13.85 -6.26 21.74
N THR C 341 14.40 -5.71 22.84
CA THR C 341 15.14 -4.45 22.71
C THR C 341 16.46 -4.65 21.98
N ASP C 342 17.15 -5.79 22.08
CA ASP C 342 18.33 -6.08 21.26
C ASP C 342 17.96 -6.14 19.78
N VAL C 343 16.85 -6.69 19.40
CA VAL C 343 16.40 -6.75 18.00
C VAL C 343 16.16 -5.35 17.45
N ILE C 344 15.57 -4.41 18.21
CA ILE C 344 15.32 -3.06 17.74
C ILE C 344 16.64 -2.31 17.54
N ILE C 345 17.64 -2.46 18.44
CA ILE C 345 18.94 -1.84 18.24
C ILE C 345 19.56 -2.31 16.93
N LYS C 346 19.56 -3.56 16.62
CA LYS C 346 20.12 -4.07 15.37
C LYS C 346 19.39 -3.49 14.16
N ASN C 347 18.08 -3.28 14.18
CA ASN C 347 17.31 -2.78 13.05
C ASN C 347 17.60 -1.31 12.78
N ASN C 348 17.69 -0.48 13.84
CA ASN C 348 18.01 0.94 13.65
C ASN C 348 19.44 1.12 13.16
N LEU C 349 20.35 0.20 13.69
CA LEU C 349 21.73 0.26 13.23
C LEU C 349 21.84 -0.11 11.75
N LYS C 350 20.94 -1.02 11.35
CA LYS C 350 21.01 -1.48 9.96
C LYS C 350 20.45 -0.44 9.00
N ASP C 351 19.29 0.37 9.48
CA ASP C 351 18.60 1.29 8.57
C ASP C 351 18.97 2.75 8.80
N CYS C 352 20.16 3.06 9.37
CA CYS C 352 20.61 4.43 9.58
C CYS C 352 21.91 4.73 8.84
N GLY C 353 22.52 3.76 8.35
CA GLY C 353 23.75 3.95 7.62
C GLY C 353 25.00 3.59 8.40
N LEU C 354 24.83 3.05 9.70
CA LEU C 354 26.00 2.71 10.50
C LEU C 354 26.44 1.28 10.26
N PHE C 355 25.53 0.35 10.62
CA PHE C 355 25.89 -1.06 10.52
C PHE C 355 25.89 -1.53 9.07
N VAL D 2 -33.71 5.03 9.31
CA VAL D 2 -32.98 6.29 9.39
C VAL D 2 -33.94 7.46 9.64
N GLN D 3 -33.57 8.49 10.44
CA GLN D 3 -34.39 9.65 10.81
C GLN D 3 -33.52 10.90 10.88
N LEU D 4 -34.08 12.16 10.31
CA LEU D 4 -33.41 13.46 10.39
C LEU D 4 -34.47 14.50 10.72
N VAL D 5 -34.34 15.30 11.77
CA VAL D 5 -35.34 16.24 12.27
C VAL D 5 -34.68 17.59 12.53
N GLU D 6 -35.31 18.79 11.92
CA GLU D 6 -34.82 20.16 12.12
C GLU D 6 -35.64 20.87 13.20
N SER D 7 -35.04 22.04 13.68
CA SER D 7 -35.71 22.85 14.68
C SER D 7 -35.06 24.23 14.74
N GLY D 8 -35.86 25.52 15.22
CA GLY D 8 -35.36 26.88 15.37
C GLY D 8 -36.18 27.92 14.64
N GLY D 9 -37.35 27.66 14.10
CA GLY D 9 -38.19 28.56 13.33
C GLY D 9 -39.07 29.43 14.22
N GLY D 10 -39.91 30.16 13.67
CA GLY D 10 -40.83 31.06 14.34
C GLY D 10 -40.88 32.40 13.64
N LEU D 11 -41.35 33.36 14.43
CA LEU D 11 -41.47 34.73 13.94
C LEU D 11 -40.26 35.54 14.37
N VAL D 12 -39.66 36.26 13.43
CA VAL D 12 -38.50 37.14 13.76
C VAL D 12 -38.89 38.55 13.32
N GLN D 13 -37.99 39.51 13.49
CA GLN D 13 -38.25 40.92 13.09
C GLN D 13 -37.06 41.40 12.29
N PRO D 14 -37.20 42.44 11.45
CA PRO D 14 -36.09 42.87 10.61
C PRO D 14 -34.76 43.17 11.31
N GLY D 15 -33.64 42.96 10.62
CA GLY D 15 -32.34 43.36 11.13
C GLY D 15 -31.79 42.50 12.24
N GLY D 16 -32.66 41.74 12.71
CA GLY D 16 -32.22 40.88 13.79
C GLY D 16 -31.40 39.71 13.30
N SER D 17 -31.49 38.54 14.03
CA SER D 17 -30.75 37.34 13.69
C SER D 17 -31.43 36.15 14.35
N ARG D 18 -31.20 34.85 13.83
CA ARG D 18 -31.77 33.61 14.34
C ARG D 18 -31.05 32.44 13.68
N LYS D 19 -30.83 31.14 14.43
CA LYS D 19 -30.12 29.96 13.95
C LYS D 19 -31.08 28.78 13.85
N LEU D 20 -30.69 27.99 12.93
CA LEU D 20 -31.46 26.77 12.69
C LEU D 20 -30.58 25.57 12.98
N SER D 21 -31.14 24.47 13.80
CA SER D 21 -30.41 23.28 14.20
C SER D 21 -31.11 22.06 13.62
N CYS D 22 -30.35 21.28 12.98
CA CYS D 22 -30.86 20.06 12.37
C CYS D 22 -30.18 18.86 13.01
N SER D 23 -30.99 17.88 13.63
CA SER D 23 -30.50 16.66 14.26
C SER D 23 -30.80 15.48 13.35
N ALA D 24 -29.78 14.62 13.24
CA ALA D 24 -29.88 13.46 12.37
C ALA D 24 -29.56 12.19 13.15
N SER D 25 -30.45 11.08 13.00
CA SER D 25 -30.28 9.82 13.70
C SER D 25 -30.62 8.68 12.75
N GLY D 26 -29.79 7.59 12.70
CA GLY D 26 -30.05 6.42 11.89
C GLY D 26 -29.00 6.12 10.83
N PHE D 27 -27.99 6.93 10.84
CA PHE D 27 -26.93 6.73 9.86
C PHE D 27 -25.65 7.36 10.38
N ALA D 28 -24.49 7.21 9.64
CA ALA D 28 -23.19 7.78 9.98
C ALA D 28 -23.11 9.17 9.38
N PHE D 29 -23.25 10.37 10.26
CA PHE D 29 -23.29 11.75 9.80
C PHE D 29 -21.93 12.26 9.34
N SER D 30 -20.85 11.67 9.71
CA SER D 30 -19.51 12.17 9.45
C SER D 30 -18.99 11.80 8.06
N SER D 31 -19.64 10.90 7.35
CA SER D 31 -19.20 10.48 6.02
C SER D 31 -20.11 11.01 4.92
N PHE D 32 -21.09 11.98 5.19
CA PHE D 32 -22.05 12.51 4.23
C PHE D 32 -21.92 14.03 4.16
N GLY D 33 -22.26 14.48 3.09
CA GLY D 33 -22.34 15.92 2.90
C GLY D 33 -23.75 16.43 3.08
N MET D 34 -24.05 17.73 3.36
CA MET D 34 -25.34 18.32 3.69
C MET D 34 -25.62 19.54 2.81
N HIS D 35 -26.77 19.64 2.42
CA HIS D 35 -27.27 20.79 1.67
C HIS D 35 -28.48 21.36 2.38
N TRP D 36 -28.87 22.68 2.08
CA TRP D 36 -30.07 23.34 2.55
C TRP D 36 -30.84 23.91 1.37
N VAL D 37 -32.09 23.54 1.30
CA VAL D 37 -32.97 24.02 0.23
C VAL D 37 -34.14 24.74 0.86
N ARG D 38 -34.35 26.01 0.40
CA ARG D 38 -35.47 26.80 0.89
C ARG D 38 -36.55 26.89 -0.17
N GLN D 39 -37.86 26.69 0.29
CA GLN D 39 -38.99 26.79 -0.67
C GLN D 39 -40.06 27.72 -0.12
N ALA D 40 -40.30 28.84 -0.76
CA ALA D 40 -41.25 29.84 -0.22
C ALA D 40 -42.70 29.36 -0.35
N PRO D 41 -43.66 30.01 0.28
CA PRO D 41 -45.06 29.54 0.25
C PRO D 41 -45.68 29.78 -1.12
N GLU D 42 -45.90 28.63 -1.72
CA GLU D 42 -46.48 28.65 -3.07
C GLU D 42 -45.49 29.20 -4.09
N LYS D 43 -44.27 28.61 -4.07
CA LYS D 43 -43.20 29.01 -4.98
C LYS D 43 -42.32 27.78 -5.24
N GLY D 44 -41.04 27.97 -5.73
CA GLY D 44 -40.12 26.91 -6.05
C GLY D 44 -39.09 26.65 -4.96
N LEU D 45 -38.05 25.87 -5.27
CA LEU D 45 -36.97 25.50 -4.37
C LEU D 45 -35.75 26.37 -4.60
N GLU D 46 -34.77 26.41 -3.53
CA GLU D 46 -33.54 27.19 -3.63
C GLU D 46 -32.47 26.54 -2.77
N TRP D 47 -31.30 26.57 -3.32
CA TRP D 47 -30.15 26.01 -2.60
C TRP D 47 -29.47 27.09 -1.78
N VAL D 48 -28.99 26.72 -0.49
CA VAL D 48 -28.45 27.66 0.49
C VAL D 48 -26.96 27.42 0.73
N ALA D 49 -26.53 26.23 1.14
CA ALA D 49 -25.15 25.96 1.53
C ALA D 49 -24.85 24.49 1.29
N TYR D 50 -23.59 24.27 1.50
CA TYR D 50 -23.10 22.90 1.32
C TYR D 50 -21.87 22.70 2.18
N ILE D 51 -21.81 21.68 3.00
CA ILE D 51 -20.67 21.52 3.96
C ILE D 51 -20.08 20.12 3.85
N SER D 52 -19.13 19.86 2.99
CA SER D 52 -18.64 18.50 2.69
C SER D 52 -18.10 17.78 3.90
N SER D 53 -17.86 16.45 3.81
CA SER D 53 -17.22 15.68 4.87
C SER D 53 -15.84 16.20 5.23
N GLY D 54 -15.71 16.35 6.43
CA GLY D 54 -14.47 16.92 6.91
C GLY D 54 -14.44 18.43 6.97
N SER D 55 -15.52 19.09 6.62
CA SER D 55 -15.61 20.56 6.64
C SER D 55 -14.53 21.21 5.78
N GLY D 56 -14.15 20.60 4.68
CA GLY D 56 -13.25 21.30 3.76
C GLY D 56 -14.01 22.41 3.06
N THR D 57 -14.80 22.07 2.03
CA THR D 57 -15.39 23.09 1.14
C THR D 57 -16.79 23.58 1.44
N ILE D 58 -16.99 24.45 2.42
CA ILE D 58 -18.32 25.08 2.63
C ILE D 58 -18.58 26.11 1.53
N TYR D 59 -19.62 25.97 0.71
CA TYR D 59 -20.00 26.99 -0.30
C TYR D 59 -21.20 27.69 0.26
N TYR D 60 -21.75 28.66 -0.44
CA TYR D 60 -22.90 29.44 -0.05
C TYR D 60 -23.69 29.84 -1.29
N ALA D 61 -24.72 30.44 -0.96
CA ALA D 61 -25.56 30.87 -2.06
C ALA D 61 -25.05 32.17 -2.66
N ASP D 62 -26.11 32.68 -3.59
CA ASP D 62 -25.73 33.93 -4.24
C ASP D 62 -26.31 35.14 -3.52
N THR D 63 -27.71 35.14 -3.19
CA THR D 63 -28.39 36.23 -2.49
C THR D 63 -28.40 36.04 -0.98
N VAL D 64 -27.79 35.04 -0.47
CA VAL D 64 -27.79 34.74 0.96
C VAL D 64 -26.36 34.81 1.46
N LYS D 65 -25.30 34.81 0.44
CA LYS D 65 -23.89 34.85 0.81
C LYS D 65 -23.58 36.06 1.68
N GLY D 66 -22.72 35.79 2.71
CA GLY D 66 -22.34 36.84 3.68
C GLY D 66 -23.36 37.01 4.80
N ARG D 67 -24.57 36.72 4.54
CA ARG D 67 -25.61 36.98 5.53
C ARG D 67 -25.80 35.70 6.35
N PHE D 68 -25.47 34.84 5.57
CA PHE D 68 -25.72 33.59 6.27
C PHE D 68 -24.41 32.98 6.73
N THR D 69 -24.57 32.15 7.72
CA THR D 69 -23.48 31.24 8.07
C THR D 69 -24.08 29.90 8.48
N ILE D 70 -23.31 28.92 8.43
CA ILE D 70 -23.83 27.57 8.66
C ILE D 70 -22.66 26.67 9.07
N SER D 71 -22.84 25.78 9.99
CA SER D 71 -21.82 24.89 10.52
C SER D 71 -22.48 23.59 10.97
N ARG D 72 -21.40 22.65 11.40
CA ARG D 72 -21.87 21.33 11.82
C ARG D 72 -21.12 20.89 13.05
N ASP D 73 -21.67 20.13 13.98
CA ASP D 73 -21.08 19.49 15.14
C ASP D 73 -21.21 17.99 14.96
N ASP D 74 -19.97 17.31 14.78
CA ASP D 74 -19.92 15.88 14.49
C ASP D 74 -20.15 15.02 15.73
N PRO D 75 -19.55 15.42 16.86
CA PRO D 75 -19.85 14.60 18.05
C PRO D 75 -21.31 14.57 18.44
N LYS D 76 -21.94 15.80 18.15
CA LYS D 76 -23.36 15.85 18.47
C LYS D 76 -24.26 15.67 17.25
N ASN D 77 -23.60 15.64 16.04
CA ASN D 77 -24.34 15.45 14.78
C ASN D 77 -25.44 16.52 14.65
N THR D 78 -24.68 17.53 14.91
CA THR D 78 -25.61 18.66 14.83
C THR D 78 -25.10 19.63 13.77
N LEU D 79 -25.87 20.38 13.20
CA LEU D 79 -25.55 21.37 12.18
C LEU D 79 -26.12 22.72 12.58
N PHE D 80 -25.11 23.54 12.59
CA PHE D 80 -25.48 24.87 13.03
C PHE D 80 -25.41 25.85 11.86
N LEU D 81 -26.59 26.32 11.44
CA LEU D 81 -26.60 27.36 10.40
C LEU D 81 -27.07 28.61 11.09
N GLN D 82 -26.21 29.56 11.31
CA GLN D 82 -26.58 30.80 12.02
C GLN D 82 -26.78 31.88 10.98
N MET D 83 -27.98 32.46 11.01
CA MET D 83 -28.32 33.39 9.91
C MET D 83 -28.13 34.80 10.40
N THR D 84 -27.70 35.70 9.53
CA THR D 84 -27.52 37.07 10.07
C THR D 84 -28.77 37.93 9.91
N SER D 85 -28.92 38.66 8.80
CA SER D 85 -30.03 39.64 8.69
C SER D 85 -31.40 38.95 8.54
N LEU D 86 -32.47 39.69 8.79
CA LEU D 86 -33.81 39.20 8.40
C LEU D 86 -34.21 40.25 7.36
N ARG D 87 -34.68 39.90 6.15
CA ARG D 87 -35.06 41.01 5.23
C ARG D 87 -36.51 40.77 4.89
N SER D 88 -37.13 39.83 5.60
CA SER D 88 -38.55 39.44 5.33
C SER D 88 -38.72 38.74 3.97
N GLU D 89 -37.74 38.78 3.09
CA GLU D 89 -37.86 38.01 1.85
C GLU D 89 -37.27 36.62 1.97
N ASP D 90 -37.03 36.28 3.18
CA ASP D 90 -36.46 34.96 3.40
C ASP D 90 -37.41 34.07 4.22
N THR D 91 -38.88 34.48 4.29
CA THR D 91 -39.87 33.66 4.97
C THR D 91 -40.16 32.42 4.13
N ALA D 92 -39.62 31.07 4.55
CA ALA D 92 -39.73 29.84 3.78
C ALA D 92 -39.59 28.65 4.72
N MET D 93 -40.03 27.51 4.17
CA MET D 93 -39.77 26.35 5.02
C MET D 93 -38.30 26.10 4.78
N TYR D 94 -37.61 25.40 5.61
CA TYR D 94 -36.21 25.04 5.27
C TYR D 94 -36.08 23.52 5.38
N TYR D 95 -35.50 22.88 4.38
CA TYR D 95 -35.31 21.44 4.34
C TYR D 95 -33.82 21.14 4.32
N CYS D 96 -33.38 20.13 5.07
CA CYS D 96 -32.04 19.62 4.98
C CYS D 96 -32.02 18.39 4.08
N VAL D 97 -30.90 18.28 3.39
CA VAL D 97 -30.75 17.18 2.44
C VAL D 97 -29.40 16.53 2.64
N ARG D 98 -29.35 15.23 2.71
CA ARG D 98 -28.13 14.44 2.79
C ARG D 98 -27.73 13.95 1.41
N SER D 99 -26.56 13.99 1.09
CA SER D 99 -26.04 13.56 -0.21
C SER D 99 -24.68 12.89 -0.01
N ILE D 100 -24.26 12.19 -1.00
CA ILE D 100 -22.96 11.53 -1.01
C ILE D 100 -22.50 11.46 -2.46
N TYR D 101 -21.04 11.68 -2.67
CA TYR D 101 -20.48 11.79 -4.02
C TYR D 101 -19.38 10.75 -4.20
N TYR D 102 -19.40 9.78 -5.09
CA TYR D 102 -18.37 8.86 -5.60
C TYR D 102 -18.93 8.22 -6.86
N TYR D 103 -18.09 7.38 -7.40
CA TYR D 103 -18.50 6.72 -8.64
C TYR D 103 -19.72 5.85 -8.39
N GLY D 104 -20.76 6.30 -8.91
CA GLY D 104 -22.00 5.58 -8.72
C GLY D 104 -22.89 6.07 -7.60
N SER D 105 -22.58 7.27 -7.01
CA SER D 105 -23.36 7.79 -5.90
C SER D 105 -24.66 8.42 -6.39
N SER D 106 -25.65 8.69 -5.45
CA SER D 106 -26.96 9.28 -5.73
C SER D 106 -27.15 10.48 -4.79
N PRO D 107 -26.76 11.62 -5.22
CA PRO D 107 -26.85 12.74 -4.34
C PRO D 107 -28.30 13.10 -3.98
N PHE D 108 -28.57 13.77 -2.88
CA PHE D 108 -29.91 14.23 -2.46
C PHE D 108 -30.89 13.07 -2.29
N ASP D 109 -30.40 11.93 -1.66
CA ASP D 109 -31.26 10.78 -1.41
C ASP D 109 -32.39 11.13 -0.45
N PHE D 110 -31.96 11.38 0.73
CA PHE D 110 -32.91 11.51 1.81
C PHE D 110 -33.10 12.98 2.18
N TRP D 111 -34.36 13.46 2.19
CA TRP D 111 -34.71 14.79 2.64
C TRP D 111 -35.34 14.71 4.03
N GLY D 112 -35.88 15.97 4.56
CA GLY D 112 -36.52 16.02 5.87
C GLY D 112 -37.40 17.23 6.05
N GLN D 113 -38.51 16.91 6.72
CA GLN D 113 -39.53 17.93 6.99
C GLN D 113 -38.80 19.15 7.44
N GLY D 114 -39.24 20.29 7.01
CA GLY D 114 -38.50 21.43 7.54
C GLY D 114 -39.32 22.21 8.51
N THR D 115 -38.75 23.25 9.09
CA THR D 115 -39.43 24.25 9.93
C THR D 115 -39.98 25.36 9.06
N THR D 116 -41.01 25.90 9.61
CA THR D 116 -41.68 26.93 8.79
C THR D 116 -41.22 28.31 9.21
N LEU D 117 -40.09 28.73 8.72
CA LEU D 117 -39.69 30.03 9.22
C LEU D 117 -40.65 31.10 8.71
N THR D 118 -40.74 32.13 9.43
CA THR D 118 -41.54 33.28 8.99
C THR D 118 -40.91 34.56 9.51
N VAL D 119 -40.98 35.57 8.67
CA VAL D 119 -40.40 36.85 8.98
C VAL D 119 -41.51 37.89 9.03
N SER D 120 -41.60 38.56 10.10
CA SER D 120 -42.58 39.63 10.21
C SER D 120 -42.20 40.79 9.30
N SER D 121 -43.20 41.31 8.60
CA SER D 121 -42.97 42.43 7.69
C SER D 121 -43.89 43.61 8.00
N SER D 136 -22.00 32.70 -15.51
CA SER D 136 -23.20 32.80 -14.70
C SER D 136 -23.85 31.43 -14.51
N ASP D 137 -24.97 31.48 -13.76
CA ASP D 137 -25.72 30.24 -13.47
C ASP D 137 -26.34 29.76 -14.78
N ILE D 138 -26.56 28.46 -14.91
CA ILE D 138 -27.03 28.00 -16.24
C ILE D 138 -28.55 28.07 -16.26
N VAL D 139 -29.08 29.20 -16.72
CA VAL D 139 -30.54 29.34 -16.73
C VAL D 139 -31.16 28.09 -17.32
N MET D 140 -32.25 27.75 -16.59
CA MET D 140 -32.85 26.47 -16.94
C MET D 140 -34.31 26.49 -16.51
N THR D 141 -35.27 26.72 -17.41
CA THR D 141 -36.69 26.86 -17.15
C THR D 141 -37.49 25.79 -17.88
N GLN D 142 -38.72 25.64 -17.29
CA GLN D 142 -39.64 24.69 -17.88
C GLN D 142 -40.84 25.43 -18.44
N ALA D 143 -41.14 25.40 -19.67
CA ALA D 143 -42.26 26.10 -20.31
C ALA D 143 -43.60 25.67 -19.74
N THR D 144 -43.83 24.52 -19.46
CA THR D 144 -45.10 23.98 -18.98
C THR D 144 -45.39 24.45 -17.56
N SER D 145 -46.69 24.91 -17.25
CA SER D 145 -47.12 25.33 -15.92
C SER D 145 -48.15 24.44 -15.28
N SER D 146 -49.11 23.77 -16.11
CA SER D 146 -50.13 22.89 -15.55
C SER D 146 -50.68 22.01 -16.66
N VAL D 147 -51.00 20.76 -16.29
CA VAL D 147 -51.57 19.78 -17.23
C VAL D 147 -52.68 19.00 -16.54
N PRO D 148 -54.06 19.01 -17.02
CA PRO D 148 -55.11 18.13 -16.49
C PRO D 148 -54.86 16.69 -16.90
N VAL D 149 -54.95 15.77 -15.90
CA VAL D 149 -54.61 14.38 -16.12
C VAL D 149 -55.71 13.48 -15.58
N THR D 150 -56.03 12.46 -16.38
CA THR D 150 -56.94 11.41 -15.98
C THR D 150 -56.17 10.12 -15.75
N PRO D 151 -56.59 9.31 -14.88
CA PRO D 151 -55.86 8.08 -14.62
C PRO D 151 -55.74 7.20 -15.86
N GLY D 152 -54.61 6.60 -15.98
CA GLY D 152 -54.34 5.72 -17.09
C GLY D 152 -53.84 6.39 -18.34
N GLU D 153 -53.58 7.69 -18.27
CA GLU D 153 -53.15 8.44 -19.44
C GLU D 153 -51.66 8.77 -19.31
N SER D 154 -50.87 8.52 -20.38
CA SER D 154 -49.44 8.78 -20.38
C SER D 154 -49.19 10.29 -20.46
N VAL D 155 -48.25 10.79 -19.67
CA VAL D 155 -47.99 12.21 -19.56
C VAL D 155 -46.49 12.47 -19.76
N SER D 156 -46.19 13.42 -20.64
CA SER D 156 -44.81 13.79 -20.94
C SER D 156 -44.58 15.23 -20.52
N ILE D 157 -43.53 15.46 -19.66
CA ILE D 157 -43.15 16.80 -19.21
C ILE D 157 -41.80 17.13 -19.82
N SER D 158 -41.49 18.36 -20.18
CA SER D 158 -40.26 18.79 -20.85
C SER D 158 -39.63 19.94 -20.10
N CYS D 159 -38.19 19.89 -19.91
CA CYS D 159 -37.40 20.96 -19.33
C CYS D 159 -36.41 21.49 -20.37
N ARG D 160 -36.08 22.86 -20.32
CA ARG D 160 -35.20 23.53 -21.26
C ARG D 160 -34.09 24.25 -20.49
N SER D 161 -32.90 24.14 -21.12
CA SER D 161 -31.72 24.74 -20.52
C SER D 161 -31.19 25.85 -21.42
N SER D 162 -30.10 26.32 -20.99
CA SER D 162 -29.46 27.38 -21.74
C SER D 162 -27.98 27.08 -21.99
N LYS D 163 -27.51 25.79 -21.69
CA LYS D 163 -26.14 25.39 -21.91
C LYS D 163 -26.09 23.87 -22.04
N SER D 164 -25.12 23.43 -22.76
CA SER D 164 -24.98 21.99 -22.97
C SER D 164 -24.55 21.32 -21.66
N LEU D 165 -25.42 20.52 -21.03
CA LEU D 165 -25.11 19.98 -19.67
C LEU D 165 -24.09 18.86 -19.77
N LEU D 166 -23.87 18.33 -20.95
CA LEU D 166 -22.83 17.29 -21.11
C LEU D 166 -21.45 17.84 -20.72
N HIS D 167 -20.47 16.98 -20.49
CA HIS D 167 -19.11 17.26 -20.09
C HIS D 167 -18.19 16.25 -20.77
N SER D 168 -16.98 16.53 -20.85
CA SER D 168 -16.00 15.67 -21.49
C SER D 168 -15.93 14.29 -20.83
N ASN D 169 -16.54 14.21 -19.65
CA ASN D 169 -16.55 12.92 -19.00
C ASN D 169 -17.47 11.93 -19.72
N GLY D 170 -18.59 12.41 -20.21
CA GLY D 170 -19.53 11.56 -20.92
C GLY D 170 -20.86 11.41 -20.19
N ASN D 171 -21.16 12.35 -19.41
CA ASN D 171 -22.39 12.30 -18.64
C ASN D 171 -22.93 13.72 -18.47
N THR D 172 -24.25 13.82 -18.16
CA THR D 172 -24.93 15.09 -17.96
C THR D 172 -25.42 15.16 -16.51
N TYR D 173 -25.60 16.34 -15.94
CA TYR D 173 -25.98 16.61 -14.55
C TYR D 173 -27.38 17.23 -14.52
N LEU D 174 -28.39 16.26 -14.38
CA LEU D 174 -29.78 16.69 -14.26
C LEU D 174 -30.48 15.83 -13.21
N TYR D 175 -31.22 16.33 -12.34
CA TYR D 175 -31.90 15.64 -11.27
C TYR D 175 -33.39 15.99 -11.27
N TRP D 176 -34.28 14.98 -10.92
CA TRP D 176 -35.72 15.13 -10.90
C TRP D 176 -36.22 14.99 -9.47
N PHE D 177 -37.28 15.72 -9.10
CA PHE D 177 -37.88 15.70 -7.79
C PHE D 177 -39.40 15.78 -7.89
N LEU D 178 -40.08 15.13 -6.98
CA LEU D 178 -41.54 15.15 -6.90
C LEU D 178 -41.94 15.58 -5.50
N GLN D 179 -42.98 16.25 -5.41
CA GLN D 179 -43.53 16.69 -4.13
C GLN D 179 -45.01 16.33 -4.06
N ARG D 180 -45.31 15.40 -3.19
CA ARG D 180 -46.70 15.19 -2.82
C ARG D 180 -47.22 16.40 -2.04
N PRO D 181 -48.56 16.71 -2.13
CA PRO D 181 -49.12 17.81 -1.34
C PRO D 181 -49.09 17.47 0.15
N GLY D 182 -48.48 18.33 1.01
CA GLY D 182 -48.48 18.17 2.45
C GLY D 182 -47.32 17.43 3.04
N GLN D 183 -46.33 17.33 2.20
CA GLN D 183 -45.11 16.73 2.76
C GLN D 183 -43.91 17.21 1.94
N SER D 184 -42.72 16.68 2.27
CA SER D 184 -41.40 16.99 1.74
C SER D 184 -41.16 16.29 0.40
N PRO D 185 -40.36 16.78 -0.52
CA PRO D 185 -40.08 16.16 -1.81
C PRO D 185 -39.32 14.85 -1.71
N GLN D 186 -39.12 14.10 -2.98
CA GLN D 186 -38.38 12.84 -3.01
C GLN D 186 -37.77 12.68 -4.40
N LEU D 187 -36.73 11.82 -4.61
CA LEU D 187 -35.96 11.61 -5.83
C LEU D 187 -36.52 10.44 -6.63
N LEU D 188 -36.63 10.96 -7.96
CA LEU D 188 -37.16 9.94 -8.86
C LEU D 188 -36.16 9.54 -9.95
N ILE D 189 -35.51 10.74 -10.58
CA ILE D 189 -34.65 10.46 -11.72
C ILE D 189 -33.39 11.32 -11.60
N TYR D 190 -32.36 10.81 -11.11
CA TYR D 190 -31.05 11.45 -11.27
C TYR D 190 -30.58 11.14 -12.70
N ARG D 191 -29.37 11.37 -12.89
CA ARG D 191 -28.82 11.47 -14.26
C ARG D 191 -29.60 10.62 -15.27
N MET D 192 -30.01 11.33 -16.49
CA MET D 192 -31.20 10.97 -17.27
C MET D 192 -31.51 9.48 -17.35
N SER D 193 -30.39 8.67 -17.71
CA SER D 193 -30.60 7.25 -17.97
C SER D 193 -30.45 6.41 -16.71
N ASN D 194 -30.75 7.05 -15.54
CA ASN D 194 -30.65 6.36 -14.25
C ASN D 194 -31.93 6.57 -13.46
N LEU D 195 -32.37 5.49 -12.86
CA LEU D 195 -33.57 5.52 -12.04
C LEU D 195 -33.19 5.50 -10.56
N ALA D 196 -33.95 6.20 -9.67
CA ALA D 196 -33.67 6.29 -8.25
C ALA D 196 -34.11 5.01 -7.53
N SER D 197 -33.99 5.10 -6.10
CA SER D 197 -34.27 3.85 -5.35
C SER D 197 -35.49 4.01 -4.45
N GLY D 198 -36.48 3.16 -4.54
CA GLY D 198 -37.74 3.29 -3.80
C GLY D 198 -38.79 3.92 -4.67
N VAL D 199 -38.57 3.97 -5.99
CA VAL D 199 -39.51 4.65 -6.92
C VAL D 199 -40.00 3.58 -7.88
N PRO D 200 -41.39 3.42 -8.29
CA PRO D 200 -41.77 2.41 -9.28
C PRO D 200 -41.14 2.70 -10.64
N ASP D 201 -41.15 1.60 -11.56
CA ASP D 201 -40.57 1.66 -12.91
C ASP D 201 -41.46 2.40 -13.91
N ARG D 202 -42.55 2.99 -13.50
CA ARG D 202 -43.43 3.72 -14.41
C ARG D 202 -42.71 4.91 -15.02
N PHE D 203 -41.95 5.64 -14.29
CA PHE D 203 -41.31 6.86 -14.74
C PHE D 203 -40.13 6.55 -15.64
N SER D 204 -39.78 7.48 -16.47
CA SER D 204 -38.60 7.38 -17.32
C SER D 204 -38.18 8.79 -17.70
N GLY D 205 -36.90 8.90 -18.15
CA GLY D 205 -36.40 10.20 -18.54
C GLY D 205 -35.39 10.07 -19.67
N SER D 206 -35.27 11.11 -20.50
CA SER D 206 -34.37 11.10 -21.65
C SER D 206 -34.13 12.54 -22.09
N GLY D 207 -33.31 12.69 -23.12
CA GLY D 207 -33.03 14.01 -23.68
C GLY D 207 -31.62 14.06 -24.23
N SER D 208 -31.18 15.24 -24.83
CA SER D 208 -29.86 15.53 -25.37
C SER D 208 -29.69 17.04 -25.46
N GLY D 209 -28.50 17.42 -25.35
CA GLY D 209 -28.18 18.84 -25.45
C GLY D 209 -28.98 19.69 -24.50
N THR D 210 -29.96 20.38 -25.12
CA THR D 210 -30.86 21.21 -24.33
C THR D 210 -32.20 20.55 -24.05
N ALA D 211 -32.65 19.67 -24.93
CA ALA D 211 -33.98 19.08 -24.79
C ALA D 211 -33.96 17.94 -23.78
N PHE D 212 -34.60 18.13 -22.72
CA PHE D 212 -34.69 17.14 -21.64
C PHE D 212 -36.15 16.78 -21.43
N THR D 213 -36.45 15.52 -21.29
CA THR D 213 -37.83 15.06 -21.17
C THR D 213 -37.95 14.00 -20.09
N LEU D 214 -39.19 14.06 -19.31
CA LEU D 214 -39.57 13.08 -18.30
C LEU D 214 -40.92 12.47 -18.71
N THR D 215 -41.14 11.10 -18.79
CA THR D 215 -42.30 10.39 -19.29
C THR D 215 -42.87 9.49 -18.19
N ILE D 216 -44.26 9.40 -18.05
CA ILE D 216 -44.99 8.51 -17.16
C ILE D 216 -45.97 7.73 -18.01
N SER D 217 -45.73 6.37 -18.01
CA SER D 217 -46.58 5.52 -18.83
C SER D 217 -47.98 5.39 -18.23
N ARG D 218 -48.08 4.82 -16.99
CA ARG D 218 -49.35 4.65 -16.30
C ARG D 218 -49.33 5.53 -15.06
N LEU D 219 -50.32 6.36 -14.96
CA LEU D 219 -50.41 7.30 -13.85
C LEU D 219 -51.62 6.98 -12.99
N GLU D 220 -51.51 7.03 -11.69
CA GLU D 220 -52.54 6.64 -10.73
C GLU D 220 -52.79 7.83 -9.80
N ALA D 221 -53.71 7.70 -8.82
CA ALA D 221 -54.13 8.77 -7.93
C ALA D 221 -52.96 9.34 -7.14
N GLU D 222 -52.18 8.39 -6.73
CA GLU D 222 -51.08 8.83 -5.88
C GLU D 222 -50.03 9.64 -6.62
N ASP D 223 -50.07 9.67 -7.88
CA ASP D 223 -49.07 10.39 -8.66
C ASP D 223 -49.31 11.89 -8.68
N VAL D 224 -50.23 12.42 -7.98
CA VAL D 224 -50.52 13.85 -8.00
C VAL D 224 -49.45 14.59 -7.21
N GLY D 225 -48.84 15.77 -7.71
CA GLY D 225 -47.84 16.58 -7.04
C GLY D 225 -47.24 17.60 -8.00
N VAL D 226 -46.09 18.29 -7.46
CA VAL D 226 -45.35 19.28 -8.24
C VAL D 226 -44.00 18.70 -8.63
N TYR D 227 -43.69 18.85 -9.92
CA TYR D 227 -42.48 18.27 -10.46
C TYR D 227 -41.43 19.34 -10.67
N TYR D 228 -40.20 18.97 -10.39
CA TYR D 228 -39.08 19.89 -10.52
C TYR D 228 -37.93 19.20 -11.23
N CYS D 229 -37.07 19.97 -12.01
CA CYS D 229 -35.85 19.49 -12.65
C CYS D 229 -34.73 20.49 -12.36
N MET D 230 -33.56 20.10 -12.04
CA MET D 230 -32.48 20.95 -11.59
C MET D 230 -31.14 20.49 -12.17
N GLN D 231 -30.07 21.53 -12.18
CA GLN D 231 -28.73 21.37 -12.73
C GLN D 231 -27.71 21.20 -11.62
N HIS D 232 -26.55 20.43 -12.00
CA HIS D 232 -25.46 20.23 -11.07
C HIS D 232 -24.12 20.24 -11.81
N LEU D 233 -23.94 21.14 -12.78
CA LEU D 233 -22.67 21.06 -13.56
C LEU D 233 -21.75 22.11 -13.02
N GLU D 234 -22.32 23.10 -12.41
CA GLU D 234 -21.47 24.24 -12.02
C GLU D 234 -21.75 24.70 -10.61
N TYR D 235 -20.88 25.54 -10.11
CA TYR D 235 -20.98 25.78 -8.67
C TYR D 235 -22.34 26.30 -8.23
N PRO D 236 -22.92 27.25 -8.81
CA PRO D 236 -24.27 27.65 -8.40
C PRO D 236 -25.31 26.66 -8.93
N LEU D 237 -26.15 26.17 -8.04
CA LEU D 237 -27.17 25.20 -8.40
C LEU D 237 -28.44 25.94 -8.80
N THR D 238 -28.85 25.57 -9.94
CA THR D 238 -30.02 26.25 -10.50
C THR D 238 -31.18 25.26 -10.62
N PHE D 239 -32.32 25.65 -10.05
CA PHE D 239 -33.52 24.84 -10.10
C PHE D 239 -34.42 25.33 -11.23
N GLY D 240 -35.65 24.76 -11.29
CA GLY D 240 -36.61 25.14 -12.32
C GLY D 240 -38.02 25.23 -11.79
N ALA D 241 -38.90 26.02 -12.42
CA ALA D 241 -40.27 26.20 -11.88
C ALA D 241 -40.99 24.85 -11.92
N GLY D 242 -42.21 24.78 -11.33
CA GLY D 242 -42.87 23.47 -11.22
C GLY D 242 -43.94 23.20 -12.25
N THR D 243 -43.80 22.09 -12.99
CA THR D 243 -44.83 21.66 -13.95
C THR D 243 -45.87 20.87 -13.17
N LYS D 244 -46.75 21.55 -12.39
CA LYS D 244 -47.76 20.84 -11.56
C LYS D 244 -48.62 19.89 -12.38
N LEU D 245 -49.32 18.98 -11.70
CA LEU D 245 -50.23 18.04 -12.40
C LEU D 245 -51.50 17.84 -11.57
N GLU D 246 -52.56 18.69 -11.79
CA GLU D 246 -53.79 18.59 -10.95
C GLU D 246 -54.74 17.53 -11.51
N LEU D 247 -55.73 17.13 -10.66
CA LEU D 247 -56.67 16.06 -11.08
C LEU D 247 -58.00 16.29 -10.36
N ALA E 7 -15.38 -47.58 3.22
CA ALA E 7 -13.96 -47.86 3.05
C ALA E 7 -13.42 -47.20 1.79
N SER E 8 -12.04 -47.38 1.93
CA SER E 8 -11.40 -46.78 0.76
C SER E 8 -11.86 -47.44 -0.53
N ILE E 9 -12.01 -48.85 -0.16
CA ILE E 9 -12.49 -49.60 -1.32
C ILE E 9 -13.88 -49.11 -1.77
N ALA E 10 -14.66 -48.78 -0.48
CA ALA E 10 -15.94 -48.17 -0.81
C ALA E 10 -15.77 -46.87 -1.57
N GLN E 11 -14.62 -46.21 -0.94
CA GLN E 11 -14.28 -45.07 -1.77
C GLN E 11 -13.80 -45.52 -3.15
N ALA E 12 -12.93 -46.68 -2.84
CA ALA E 12 -12.35 -47.21 -4.08
C ALA E 12 -13.41 -47.56 -5.12
N ARG E 13 -14.35 -48.41 -4.37
CA ARG E 13 -15.50 -48.72 -5.20
C ARG E 13 -16.18 -47.46 -5.74
N LYS E 14 -16.16 -46.47 -4.60
CA LYS E 14 -16.65 -45.19 -5.09
C LYS E 14 -15.66 -44.57 -6.07
N LEU E 15 -14.30 -44.63 -5.41
CA LEU E 15 -13.28 -43.89 -6.16
C LEU E 15 -13.08 -44.45 -7.55
N VAL E 16 -12.96 -45.85 -7.40
CA VAL E 16 -12.88 -46.50 -8.71
C VAL E 16 -14.10 -46.15 -9.54
N GLU E 17 -15.21 -46.13 -8.64
CA GLU E 17 -16.43 -45.71 -9.32
C GLU E 17 -16.29 -44.27 -9.82
N GLN E 18 -15.58 -43.47 -8.80
CA GLN E 18 -15.27 -42.11 -9.23
C GLN E 18 -14.34 -42.13 -10.44
N LEU E 19 -13.39 -43.16 -10.28
CA LEU E 19 -12.57 -43.34 -11.46
C LEU E 19 -13.40 -43.82 -12.65
N LYS E 20 -14.35 -44.69 -12.27
CA LYS E 20 -15.18 -45.27 -13.34
C LYS E 20 -15.92 -44.21 -14.15
N MET E 21 -16.49 -43.16 -13.62
CA MET E 21 -17.17 -42.06 -14.28
C MET E 21 -16.21 -41.24 -15.13
N GLU E 22 -14.93 -41.08 -14.86
CA GLU E 22 -13.92 -40.41 -15.66
C GLU E 22 -13.61 -41.19 -16.93
N ALA E 23 -13.64 -42.48 -17.02
CA ALA E 23 -13.26 -43.31 -18.17
C ALA E 23 -14.28 -43.21 -19.30
N ASN E 24 -15.53 -43.28 -19.06
CA ASN E 24 -16.59 -43.32 -20.08
C ASN E 24 -16.90 -41.90 -20.57
N ILE E 25 -15.95 -41.41 -21.46
CA ILE E 25 -16.10 -40.09 -22.06
C ILE E 25 -15.83 -40.18 -23.55
N ASP E 26 -16.60 -39.37 -24.47
CA ASP E 26 -16.49 -39.36 -25.94
C ASP E 26 -15.45 -38.33 -26.37
N ARG E 27 -14.13 -38.75 -26.33
CA ARG E 27 -13.02 -37.90 -26.71
C ARG E 27 -12.98 -37.67 -28.22
N ILE E 28 -12.63 -36.38 -28.72
CA ILE E 28 -12.59 -35.99 -30.11
C ILE E 28 -11.15 -35.95 -30.61
N LYS E 29 -10.98 -35.70 -32.02
CA LYS E 29 -9.65 -35.54 -32.63
C LYS E 29 -9.05 -34.20 -32.23
N VAL E 30 -7.66 -34.09 -31.89
CA VAL E 30 -6.99 -32.88 -31.41
C VAL E 30 -6.78 -31.86 -32.53
N SER E 31 -6.70 -32.39 -33.74
CA SER E 31 -6.54 -31.46 -34.85
C SER E 31 -7.78 -30.59 -35.05
N LYS E 32 -8.94 -31.21 -34.70
CA LYS E 32 -10.15 -30.41 -34.77
C LYS E 32 -10.17 -29.35 -33.68
N ALA E 33 -9.65 -29.55 -32.36
CA ALA E 33 -9.57 -28.57 -31.28
C ALA E 33 -8.54 -27.49 -31.58
N ALA E 34 -7.45 -27.79 -32.25
CA ALA E 34 -6.46 -26.80 -32.67
C ALA E 34 -6.99 -25.91 -33.77
N ALA E 35 -7.81 -26.40 -34.74
CA ALA E 35 -8.43 -25.60 -35.78
C ALA E 35 -9.46 -24.64 -35.21
N ASP E 36 -10.24 -25.07 -34.22
CA ASP E 36 -11.20 -24.18 -33.55
C ASP E 36 -10.46 -23.08 -32.78
N LEU E 37 -9.34 -23.35 -32.24
CA LEU E 37 -8.54 -22.35 -31.54
C LEU E 37 -8.01 -21.30 -32.51
N MET E 38 -7.54 -21.74 -33.68
CA MET E 38 -7.06 -20.81 -34.70
C MET E 38 -8.20 -19.98 -35.28
N ALA E 39 -9.41 -20.59 -35.43
CA ALA E 39 -10.57 -19.87 -35.98
C ALA E 39 -11.04 -18.80 -35.02
N TYR E 40 -11.09 -19.10 -33.75
CA TYR E 40 -11.49 -18.10 -32.77
C TYR E 40 -10.46 -16.97 -32.70
N CYS E 41 -9.30 -17.33 -32.85
CA CYS E 41 -8.26 -16.31 -32.79
C CYS E 41 -8.24 -15.42 -34.02
N GLU E 42 -8.55 -15.82 -35.23
CA GLU E 42 -8.57 -15.03 -36.45
C GLU E 42 -9.85 -14.23 -36.60
N ALA E 43 -11.08 -14.68 -36.13
CA ALA E 43 -12.35 -13.97 -36.23
C ALA E 43 -12.39 -12.76 -35.31
N HIS E 44 -11.85 -12.88 -34.12
CA HIS E 44 -11.90 -11.78 -33.17
C HIS E 44 -10.60 -10.98 -33.11
N ALA E 45 -9.63 -11.04 -34.09
CA ALA E 45 -8.31 -10.38 -34.07
C ALA E 45 -8.44 -8.86 -34.15
N LYS E 46 -9.39 -8.34 -34.93
CA LYS E 46 -9.57 -6.90 -35.05
C LYS E 46 -10.22 -6.28 -33.82
N GLU E 47 -10.82 -7.01 -32.98
CA GLU E 47 -11.51 -6.46 -31.83
C GLU E 47 -10.58 -6.21 -30.65
N ASP E 48 -9.36 -6.88 -30.54
CA ASP E 48 -8.46 -6.83 -29.38
C ASP E 48 -7.71 -5.51 -29.34
N PRO E 49 -7.84 -4.74 -28.26
CA PRO E 49 -7.07 -3.48 -28.18
C PRO E 49 -5.62 -3.68 -27.80
N LEU E 50 -5.20 -4.91 -27.09
CA LEU E 50 -3.80 -5.16 -26.75
C LEU E 50 -3.01 -5.61 -27.97
N LEU E 51 -3.66 -6.50 -28.84
CA LEU E 51 -2.96 -7.01 -30.01
C LEU E 51 -2.85 -5.96 -31.11
N THR E 52 -3.97 -5.32 -31.38
CA THR E 52 -4.02 -4.31 -32.43
C THR E 52 -4.03 -2.94 -31.79
N PRO E 53 -3.12 -2.23 -32.29
CA PRO E 53 -2.99 -0.96 -31.55
C PRO E 53 -4.14 -0.01 -31.79
N VAL E 54 -4.51 0.73 -30.81
CA VAL E 54 -5.67 1.61 -30.76
C VAL E 54 -5.18 3.05 -30.97
N PRO E 55 -6.03 3.75 -31.83
CA PRO E 55 -5.70 5.18 -31.92
C PRO E 55 -5.85 5.89 -30.57
N ALA E 56 -5.07 6.96 -30.41
CA ALA E 56 -5.00 7.69 -29.14
C ALA E 56 -6.34 8.31 -28.75
N SER E 57 -7.13 8.77 -29.73
CA SER E 57 -8.44 9.34 -29.44
C SER E 57 -9.43 8.26 -29.01
N GLU E 58 -9.55 7.01 -29.71
CA GLU E 58 -10.40 5.89 -29.32
C GLU E 58 -9.99 5.30 -27.97
N ASN E 59 -8.80 5.27 -27.71
CA ASN E 59 -8.26 4.73 -26.47
C ASN E 59 -8.77 5.51 -25.26
N PRO E 60 -9.50 4.90 -24.31
CA PRO E 60 -9.91 5.63 -23.10
C PRO E 60 -8.76 6.00 -22.19
N PHE E 61 -7.74 5.24 -22.17
CA PHE E 61 -6.58 5.52 -21.31
C PHE E 61 -5.61 6.41 -22.08
N ARG E 62 -5.36 7.60 -21.52
CA ARG E 62 -4.50 8.59 -22.17
C ARG E 62 -3.52 9.15 -21.15
N GLU E 63 -2.49 9.76 -21.66
CA GLU E 63 -1.47 10.40 -20.82
C GLU E 63 -2.02 11.65 -20.14
#